data_9OVR
#
_entry.id   9OVR
#
_cell.length_a   1.00
_cell.length_b   1.00
_cell.length_c   1.00
_cell.angle_alpha   90.00
_cell.angle_beta   90.00
_cell.angle_gamma   90.00
#
_symmetry.space_group_name_H-M   'P 1'
#
loop_
_entity.id
_entity.type
_entity.pdbx_description
1 polymer 'Sodium bicarbonate cotransporter 3'
2 branched 2-acetamido-2-deoxy-beta-D-glucopyranose-(1-4)-2-acetamido-2-deoxy-beta-D-glucopyranose
3 non-polymer 'CARBONATE ION'
4 non-polymer 2-acetamido-2-deoxy-beta-D-glucopyranose
5 non-polymer 'SODIUM ION'
#
_entity_poly.entity_id   1
_entity_poly.type   'polypeptide(L)'
_entity_poly.pdbx_seq_one_letter_code
;MERFRLEKKLPGPDEEAVVDLGKTSSTVNTKFEKEELESHRAVYIGVHVPFSKESRRRHRHRGHKHHHRRRKDKESDKED
GRESPSYDTPSQRVQFILGTEDDDEEHIPHDLFTEMDELCYRDGEEYEWKETARWLKFEEDVEDGGDRWSKPYVATLSLH
SLFELRSCILNGTVMLDMRASTLDEIADMVLDNMIASGQLDESIRENVREALLKRHHHQNEKRFTSRIPLVRSFADIGKK
HSDPHLLERNGEGLSASRHSLRTGLSASNLSLRGESPLSLLLGHLLPSSRAGTPAGSRCTTPVPTPQNSPPSSPSISRLT
SRSSQESQRQAPELLVSPASDDIPTVVIHPPEEDLEAALKGEEQKNEENVDLTPGILASPQSAPGNLDNSKSGEIKGNGS
GGSRENSTVDFSKVDMNFMRKIPTGAEASNVLVGEVDFLERPIIAFVRLAPAVLLTGLTEVPVPTRFLFLLLGPAGKAPQ
YHEIGRSIATLMTDEIFHDVAYKAKDRNDLLSGIDEFLDQVTVLPPGEWDPSIRIEPPKSVPSQEKRKIPVFHNGSTPTL
GETPKEAAHHAGPELQRTGRLFGGLILDIKRKAPFFLSDFKDALSLQCLASILFLYCACMSPVITFGGLLGEATEGRISA
IESLFGASLTGIAYSLFAGQPLTILGSTGPVLVFEKILYKFCRDYQLSYLSLRTSIGLWTSFLCIVLVATDASSLVCYIT
RFTEEAFAALICIIFIYEALEKLFDLGETYAFNMHNNLDKLTSYSCVCTEPPNPSNETLAQWKKDNITAHNISWRNLTVS
ECKKLRGVFLGSACGHHGPYIPDVLFWCVILFFTTFFLSSFLKQFKTKRYFPTKVRSTISDFAVFLTIVIMVTIDYLVGV
PSPKLHVPEKFEPTHPERGWIISPLGDNPWWTLLIAAIPALLCTILIFMDQQITAVIINRKEHKLKKGAGYHLDLLMVGV
MLGVCSVMGLPWFVAATVLSISHVNSLKVESECSAPGEQPKFLGIREQRVTGLMIFILMGLSVFMTSVLKFIPMPVLYGV
FLYMGVSSLKGIQLFDRIKLFGMPAKHQPDLIYLRYVPLWKVHIFTVIQLTCLVLLWVIKVSAAAVVFPMMVLALVFVRK
LMDLCFTKRELSWLDDLMPESKKKKEDDKKKKEKEEAERMLQDDDDTVHLPFEGGSLLQIPVKALKYSPDKPVSVKISFE
DEPRKKYVDAETSL
;
_entity_poly.pdbx_strand_id   B,A
#
# COMPACT_ATOMS: atom_id res chain seq x y z
N ARG A 580 1.98 9.81 -58.87
CA ARG A 580 0.86 8.97 -59.25
C ARG A 580 -0.18 8.87 -58.14
N LEU A 581 -1.31 8.24 -58.45
CA LEU A 581 -2.35 8.00 -57.47
C LEU A 581 -2.12 6.65 -56.80
N PHE A 582 -2.41 6.57 -55.50
CA PHE A 582 -2.32 5.34 -54.73
C PHE A 582 -0.89 4.79 -54.70
N GLY A 583 0.10 5.64 -55.02
CA GLY A 583 1.48 5.16 -55.06
C GLY A 583 2.01 4.76 -53.70
N GLY A 584 1.75 5.58 -52.67
CA GLY A 584 2.20 5.22 -51.34
C GLY A 584 1.58 3.96 -50.81
N LEU A 585 0.29 3.73 -51.11
CA LEU A 585 -0.36 2.49 -50.72
C LEU A 585 0.28 1.28 -51.37
N ILE A 586 0.62 1.37 -52.66
CA ILE A 586 1.29 0.27 -53.35
C ILE A 586 2.67 0.03 -52.74
N LEU A 587 3.41 1.09 -52.45
CA LEU A 587 4.73 0.91 -51.84
C LEU A 587 4.62 0.25 -50.47
N ASP A 588 3.65 0.67 -49.66
CA ASP A 588 3.48 0.07 -48.34
C ASP A 588 3.06 -1.39 -48.43
N ILE A 589 2.16 -1.72 -49.36
CA ILE A 589 1.77 -3.11 -49.54
C ILE A 589 2.95 -3.95 -49.99
N LYS A 590 3.77 -3.42 -50.90
CA LYS A 590 4.96 -4.15 -51.34
C LYS A 590 5.94 -4.37 -50.20
N ARG A 591 6.10 -3.37 -49.31
CA ARG A 591 6.99 -3.54 -48.17
C ARG A 591 6.45 -4.56 -47.19
N LYS A 592 5.14 -4.56 -46.95
CA LYS A 592 4.58 -5.39 -45.88
C LYS A 592 4.27 -6.82 -46.33
N ALA A 593 4.14 -7.07 -47.63
CA ALA A 593 3.78 -8.39 -48.12
C ALA A 593 4.76 -9.50 -47.73
N PRO A 594 6.09 -9.31 -47.80
CA PRO A 594 7.00 -10.43 -47.48
C PRO A 594 6.84 -10.99 -46.07
N PHE A 595 6.51 -10.18 -45.07
CA PHE A 595 6.51 -10.61 -43.69
C PHE A 595 5.14 -11.10 -43.21
N PHE A 596 4.18 -11.31 -44.13
CA PHE A 596 2.83 -11.68 -43.70
C PHE A 596 2.81 -13.02 -42.99
N LEU A 597 3.54 -14.02 -43.50
CA LEU A 597 3.53 -15.33 -42.87
C LEU A 597 4.34 -15.33 -41.58
N SER A 598 5.45 -14.58 -41.57
CA SER A 598 6.25 -14.46 -40.35
C SER A 598 5.47 -13.80 -39.23
N ASP A 599 4.60 -12.83 -39.58
CA ASP A 599 3.79 -12.17 -38.57
C ASP A 599 2.91 -13.15 -37.80
N PHE A 600 2.40 -14.19 -38.47
CA PHE A 600 1.62 -15.21 -37.79
C PHE A 600 2.49 -16.28 -37.15
N LYS A 601 3.62 -16.63 -37.77
CA LYS A 601 4.45 -17.70 -37.23
C LYS A 601 5.22 -17.27 -35.98
N ASP A 602 5.43 -15.96 -35.79
CA ASP A 602 6.23 -15.50 -34.67
C ASP A 602 5.44 -15.49 -33.37
N ALA A 603 4.16 -15.88 -33.41
CA ALA A 603 3.29 -15.83 -32.25
C ALA A 603 3.13 -17.18 -31.56
N LEU A 604 4.18 -17.99 -31.51
CA LEU A 604 4.10 -19.32 -30.91
C LEU A 604 4.84 -19.39 -29.56
N SER A 605 4.75 -18.35 -28.75
CA SER A 605 5.37 -18.34 -27.43
C SER A 605 4.31 -18.06 -26.36
N LEU A 606 4.74 -18.13 -25.10
CA LEU A 606 3.85 -17.88 -23.98
C LEU A 606 3.56 -16.40 -23.76
N GLN A 607 4.52 -15.53 -24.08
CA GLN A 607 4.32 -14.11 -23.85
C GLN A 607 3.17 -13.55 -24.70
N CYS A 608 2.88 -14.18 -25.83
CA CYS A 608 1.72 -13.78 -26.62
C CYS A 608 0.42 -14.00 -25.86
N LEU A 609 0.25 -15.19 -25.26
CA LEU A 609 -0.93 -15.45 -24.44
C LEU A 609 -0.95 -14.55 -23.22
N ALA A 610 0.21 -14.26 -22.65
CA ALA A 610 0.27 -13.35 -21.52
C ALA A 610 -0.24 -11.96 -21.91
N SER A 611 0.19 -11.45 -23.07
CA SER A 611 -0.29 -10.15 -23.53
C SER A 611 -1.77 -10.17 -23.82
N ILE A 612 -2.27 -11.26 -24.42
CA ILE A 612 -3.70 -11.37 -24.70
C ILE A 612 -4.51 -11.27 -23.42
N LEU A 613 -4.12 -12.05 -22.40
CA LEU A 613 -4.86 -12.06 -21.14
C LEU A 613 -4.70 -10.74 -20.39
N PHE A 614 -3.53 -10.10 -20.52
CA PHE A 614 -3.34 -8.76 -19.95
C PHE A 614 -4.31 -7.76 -20.56
N LEU A 615 -4.42 -7.74 -21.89
CA LEU A 615 -5.07 -6.63 -22.56
C LEU A 615 -6.56 -6.84 -22.77
N TYR A 616 -7.05 -8.08 -22.71
CA TYR A 616 -8.47 -8.33 -22.91
C TYR A 616 -9.31 -7.57 -21.88
N CYS A 617 -9.00 -7.75 -20.59
CA CYS A 617 -9.74 -7.08 -19.53
C CYS A 617 -9.51 -5.58 -19.52
N ALA A 618 -8.29 -5.13 -19.79
CA ALA A 618 -7.98 -3.71 -19.79
C ALA A 618 -8.59 -2.98 -20.97
N CYS A 619 -8.93 -3.70 -22.04
CA CYS A 619 -9.54 -3.06 -23.20
C CYS A 619 -11.06 -3.16 -23.18
N MET A 620 -11.62 -4.17 -22.51
CA MET A 620 -13.08 -4.30 -22.47
C MET A 620 -13.76 -3.15 -21.73
N SER A 621 -13.28 -2.80 -20.54
CA SER A 621 -14.02 -1.90 -19.66
C SER A 621 -14.29 -0.53 -20.28
N PRO A 622 -13.32 0.13 -20.91
CA PRO A 622 -13.64 1.40 -21.59
C PRO A 622 -14.72 1.25 -22.64
N VAL A 623 -14.74 0.12 -23.36
CA VAL A 623 -15.76 -0.08 -24.39
C VAL A 623 -17.15 -0.10 -23.78
N ILE A 624 -17.32 -0.86 -22.70
CA ILE A 624 -18.63 -0.97 -22.06
C ILE A 624 -19.05 0.37 -21.45
N THR A 625 -18.10 1.07 -20.80
CA THR A 625 -18.43 2.35 -20.20
C THR A 625 -18.85 3.37 -21.28
N PHE A 626 -18.11 3.43 -22.38
CA PHE A 626 -18.46 4.35 -23.46
C PHE A 626 -19.81 3.98 -24.08
N GLY A 627 -20.07 2.68 -24.25
CA GLY A 627 -21.35 2.27 -24.79
C GLY A 627 -22.50 2.66 -23.90
N GLY A 628 -22.34 2.47 -22.58
CA GLY A 628 -23.40 2.87 -21.66
C GLY A 628 -23.63 4.37 -21.66
N LEU A 629 -22.54 5.15 -21.67
CA LEU A 629 -22.68 6.60 -21.70
C LEU A 629 -23.37 7.06 -22.98
N LEU A 630 -22.99 6.49 -24.12
CA LEU A 630 -23.63 6.87 -25.38
C LEU A 630 -25.08 6.45 -25.44
N GLY A 631 -25.42 5.29 -24.87
CA GLY A 631 -26.80 4.88 -24.79
C GLY A 631 -27.63 5.80 -23.90
N GLU A 632 -27.05 6.26 -22.80
CA GLU A 632 -27.72 7.26 -21.98
C GLU A 632 -27.92 8.58 -22.72
N ALA A 633 -26.91 9.01 -23.48
CA ALA A 633 -26.98 10.29 -24.18
C ALA A 633 -27.91 10.22 -25.40
N THR A 634 -28.03 9.05 -26.01
CA THR A 634 -28.83 8.89 -27.23
C THR A 634 -30.18 8.24 -26.96
N GLU A 635 -30.62 8.24 -25.70
CA GLU A 635 -31.95 7.75 -25.31
C GLU A 635 -32.14 6.28 -25.65
N GLY A 636 -31.06 5.52 -25.75
CA GLY A 636 -31.17 4.09 -25.95
C GLY A 636 -31.00 3.63 -27.38
N ARG A 637 -30.35 4.45 -28.21
CA ARG A 637 -30.10 4.09 -29.60
C ARG A 637 -28.80 3.35 -29.81
N ILE A 638 -27.70 3.83 -29.23
CA ILE A 638 -26.41 3.15 -29.33
C ILE A 638 -25.95 2.73 -27.94
N SER A 639 -26.31 1.51 -27.54
CA SER A 639 -25.97 1.01 -26.22
C SER A 639 -24.67 0.21 -26.23
N ALA A 640 -24.39 -0.51 -25.15
CA ALA A 640 -23.14 -1.23 -24.99
C ALA A 640 -22.94 -2.35 -25.99
N ILE A 641 -24.01 -3.06 -26.37
CA ILE A 641 -23.86 -4.19 -27.28
C ILE A 641 -23.37 -3.74 -28.65
N GLU A 642 -23.91 -2.62 -29.15
CA GLU A 642 -23.41 -2.10 -30.42
C GLU A 642 -21.95 -1.71 -30.32
N SER A 643 -21.53 -1.14 -29.19
CA SER A 643 -20.13 -0.79 -29.00
C SER A 643 -19.26 -2.05 -29.02
N LEU A 644 -19.68 -3.10 -28.34
CA LEU A 644 -18.92 -4.35 -28.34
C LEU A 644 -18.79 -4.92 -29.75
N PHE A 645 -19.90 -4.98 -30.49
CA PHE A 645 -19.86 -5.55 -31.84
C PHE A 645 -18.99 -4.71 -32.77
N GLY A 646 -19.11 -3.37 -32.70
CA GLY A 646 -18.27 -2.52 -33.51
C GLY A 646 -16.80 -2.63 -33.18
N ALA A 647 -16.45 -2.68 -31.89
CA ALA A 647 -15.06 -2.85 -31.51
C ALA A 647 -14.52 -4.18 -32.01
N SER A 648 -15.29 -5.26 -31.88
CA SER A 648 -14.83 -6.56 -32.37
C SER A 648 -14.59 -6.53 -33.88
N LEU A 649 -15.55 -6.01 -34.64
CA LEU A 649 -15.39 -5.97 -36.10
C LEU A 649 -14.18 -5.13 -36.50
N THR A 650 -14.09 -3.92 -35.96
CA THR A 650 -12.99 -3.03 -36.33
C THR A 650 -11.65 -3.61 -35.95
N GLY A 651 -11.54 -4.18 -34.75
CA GLY A 651 -10.28 -4.78 -34.34
C GLY A 651 -9.88 -5.97 -35.19
N ILE A 652 -10.83 -6.84 -35.52
CA ILE A 652 -10.50 -7.99 -36.37
C ILE A 652 -10.02 -7.52 -37.74
N ALA A 653 -10.78 -6.63 -38.39
CA ALA A 653 -10.41 -6.24 -39.74
C ALA A 653 -9.20 -5.32 -39.76
N TYR A 654 -8.82 -4.75 -38.62
CA TYR A 654 -7.58 -3.99 -38.56
C TYR A 654 -6.38 -4.89 -38.31
N SER A 655 -6.49 -5.85 -37.40
CA SER A 655 -5.39 -6.77 -37.16
C SER A 655 -5.09 -7.64 -38.37
N LEU A 656 -6.12 -8.09 -39.09
CA LEU A 656 -5.87 -8.94 -40.24
C LEU A 656 -5.16 -8.20 -41.36
N PHE A 657 -5.61 -7.00 -41.72
CA PHE A 657 -5.08 -6.25 -42.86
C PHE A 657 -4.84 -4.81 -42.43
N ALA A 658 -3.59 -4.48 -42.13
CA ALA A 658 -3.19 -3.11 -41.85
C ALA A 658 -1.68 -3.00 -41.92
N GLY A 659 -1.17 -1.86 -41.47
CA GLY A 659 0.27 -1.65 -41.38
C GLY A 659 0.76 -2.18 -40.05
N GLN A 660 1.34 -1.32 -39.22
CA GLN A 660 1.79 -1.68 -37.89
C GLN A 660 0.65 -2.34 -37.12
N PRO A 661 0.72 -3.63 -36.82
CA PRO A 661 -0.38 -4.33 -36.16
C PRO A 661 -0.41 -4.18 -34.64
N LEU A 662 0.52 -3.42 -34.06
CA LEU A 662 0.60 -3.25 -32.62
C LEU A 662 -0.26 -2.09 -32.12
N THR A 663 -1.00 -1.44 -33.02
CA THR A 663 -1.90 -0.37 -32.66
C THR A 663 -3.28 -0.95 -32.35
N ILE A 664 -3.80 -0.60 -31.18
CA ILE A 664 -5.07 -1.13 -30.69
C ILE A 664 -6.11 -0.03 -30.87
N LEU A 665 -7.14 -0.31 -31.64
CA LEU A 665 -8.15 0.63 -31.93
C LEU A 665 -9.03 0.68 -30.69
N GLY A 666 -9.46 1.84 -30.27
CA GLY A 666 -10.22 1.96 -29.09
C GLY A 666 -11.08 3.16 -29.04
N SER A 667 -12.22 3.09 -28.38
CA SER A 667 -13.25 4.12 -28.36
C SER A 667 -12.83 5.31 -27.74
N THR A 668 -12.80 6.38 -28.51
CA THR A 668 -12.22 7.59 -27.98
C THR A 668 -13.19 8.56 -27.35
N GLY A 669 -12.89 9.02 -26.16
CA GLY A 669 -13.73 10.01 -25.48
C GLY A 669 -14.21 11.12 -26.36
N PRO A 670 -13.32 11.96 -26.87
CA PRO A 670 -13.78 12.97 -27.80
C PRO A 670 -15.06 12.62 -28.58
N VAL A 671 -15.19 11.48 -29.23
CA VAL A 671 -16.36 11.14 -30.04
C VAL A 671 -17.55 11.42 -29.24
N LEU A 672 -17.63 10.87 -28.05
CA LEU A 672 -18.83 11.02 -27.26
C LEU A 672 -19.17 12.47 -27.21
N VAL A 673 -18.22 13.35 -27.54
CA VAL A 673 -18.72 14.71 -27.57
C VAL A 673 -19.55 14.97 -28.83
N PHE A 674 -19.08 14.47 -29.98
CA PHE A 674 -19.66 14.81 -31.26
C PHE A 674 -21.13 14.41 -31.35
N GLU A 675 -21.52 13.31 -30.71
CA GLU A 675 -22.92 12.93 -30.67
C GLU A 675 -23.79 13.86 -29.82
N LYS A 676 -23.26 14.37 -28.71
CA LYS A 676 -24.07 15.14 -27.77
C LYS A 676 -24.64 16.39 -28.44
N ILE A 677 -23.82 17.13 -29.20
CA ILE A 677 -24.35 18.26 -29.96
C ILE A 677 -25.24 17.77 -31.08
N LEU A 678 -24.91 16.62 -31.67
CA LEU A 678 -25.67 16.14 -32.82
C LEU A 678 -27.09 15.77 -32.45
N TYR A 679 -27.26 14.94 -31.41
CA TYR A 679 -28.58 14.42 -31.09
C TYR A 679 -29.56 15.54 -30.76
N LYS A 680 -29.17 16.46 -29.88
CA LYS A 680 -30.03 17.61 -29.58
C LYS A 680 -30.34 18.39 -30.85
N PHE A 681 -29.37 18.49 -31.76
CA PHE A 681 -29.64 19.09 -33.06
C PHE A 681 -30.75 18.34 -33.78
N CYS A 682 -30.63 17.01 -33.88
CA CYS A 682 -31.70 16.21 -34.46
C CYS A 682 -32.99 16.30 -33.64
N ARG A 683 -32.90 16.64 -32.36
CA ARG A 683 -34.10 16.86 -31.56
C ARG A 683 -34.67 18.25 -31.78
N ASP A 684 -33.82 19.21 -32.15
CA ASP A 684 -34.27 20.59 -32.23
C ASP A 684 -35.12 20.87 -33.46
N TYR A 685 -34.78 20.31 -34.61
CA TYR A 685 -35.51 20.68 -35.83
C TYR A 685 -36.65 19.72 -36.10
N GLN A 686 -36.25 18.50 -36.42
CA GLN A 686 -37.17 17.41 -36.67
C GLN A 686 -36.39 16.56 -37.65
N LEU A 687 -35.29 15.94 -37.20
CA LEU A 687 -34.52 15.07 -38.07
C LEU A 687 -34.34 13.69 -37.43
N SER A 688 -34.03 12.71 -38.27
CA SER A 688 -33.75 11.35 -37.82
C SER A 688 -32.27 11.22 -37.53
N TYR A 689 -31.95 10.73 -36.32
CA TYR A 689 -30.57 10.72 -35.87
C TYR A 689 -29.72 9.73 -36.66
N LEU A 690 -30.20 8.50 -36.82
CA LEU A 690 -29.37 7.44 -37.39
C LEU A 690 -29.02 7.74 -38.84
N SER A 691 -29.99 8.24 -39.62
CA SER A 691 -29.72 8.52 -41.03
C SER A 691 -28.71 9.63 -41.21
N LEU A 692 -28.84 10.74 -40.47
CA LEU A 692 -27.88 11.83 -40.58
C LEU A 692 -26.50 11.37 -40.12
N ARG A 693 -26.43 10.61 -39.03
CA ARG A 693 -25.15 10.12 -38.56
C ARG A 693 -24.50 9.20 -39.59
N THR A 694 -25.29 8.33 -40.22
CA THR A 694 -24.74 7.45 -41.26
C THR A 694 -24.24 8.24 -42.45
N SER A 695 -24.96 9.27 -42.87
CA SER A 695 -24.49 10.10 -43.98
C SER A 695 -23.18 10.79 -43.63
N ILE A 696 -23.08 11.35 -42.42
CA ILE A 696 -21.85 12.00 -42.01
C ILE A 696 -20.69 11.01 -41.98
N GLY A 697 -20.93 9.81 -41.44
CA GLY A 697 -19.88 8.80 -41.40
C GLY A 697 -19.43 8.36 -42.79
N LEU A 698 -20.39 8.18 -43.70
CA LEU A 698 -20.04 7.78 -45.06
C LEU A 698 -19.19 8.85 -45.75
N TRP A 699 -19.56 10.11 -45.60
CA TRP A 699 -18.75 11.16 -46.22
C TRP A 699 -17.39 11.29 -45.56
N THR A 700 -17.31 11.06 -44.25
CA THR A 700 -16.01 11.05 -43.58
C THR A 700 -15.12 9.93 -44.12
N SER A 701 -15.71 8.75 -44.33
CA SER A 701 -14.94 7.64 -44.91
C SER A 701 -14.47 7.97 -46.32
N PHE A 702 -15.33 8.60 -47.12
CA PHE A 702 -14.93 8.99 -48.46
C PHE A 702 -13.78 9.99 -48.42
N LEU A 703 -13.84 10.97 -47.51
CA LEU A 703 -12.76 11.94 -47.40
C LEU A 703 -11.45 11.28 -46.94
N CYS A 704 -11.55 10.30 -46.03
CA CYS A 704 -10.35 9.56 -45.63
C CYS A 704 -9.75 8.80 -46.80
N ILE A 705 -10.58 8.16 -47.63
CA ILE A 705 -10.06 7.48 -48.81
C ILE A 705 -9.41 8.46 -49.76
N VAL A 706 -10.01 9.63 -49.96
CA VAL A 706 -9.39 10.65 -50.80
C VAL A 706 -8.05 11.10 -50.23
N LEU A 707 -7.96 11.27 -48.92
CA LEU A 707 -6.68 11.64 -48.30
C LEU A 707 -5.63 10.57 -48.52
N VAL A 708 -6.03 9.30 -48.44
CA VAL A 708 -5.10 8.21 -48.75
C VAL A 708 -4.65 8.30 -50.20
N ALA A 709 -5.57 8.64 -51.11
CA ALA A 709 -5.21 8.78 -52.52
C ALA A 709 -4.22 9.91 -52.76
N THR A 710 -4.39 11.04 -52.07
CA THR A 710 -3.51 12.19 -52.27
C THR A 710 -2.13 11.98 -51.67
N ASP A 711 -1.97 10.98 -50.78
CA ASP A 711 -0.73 10.72 -50.08
C ASP A 711 -0.34 11.89 -49.19
N ALA A 712 -1.24 12.28 -48.29
CA ALA A 712 -0.96 13.34 -47.32
C ALA A 712 -0.21 12.84 -46.10
N SER A 713 -0.17 11.52 -45.88
CA SER A 713 0.53 10.99 -44.72
C SER A 713 2.03 11.23 -44.76
N SER A 714 2.57 11.65 -45.90
CA SER A 714 3.96 12.08 -45.94
C SER A 714 4.22 13.26 -45.02
N LEU A 715 3.17 13.97 -44.58
CA LEU A 715 3.33 15.03 -43.59
C LEU A 715 3.88 14.50 -42.27
N VAL A 716 3.80 13.19 -42.03
CA VAL A 716 4.52 12.58 -40.91
C VAL A 716 5.99 12.97 -40.87
N CYS A 717 6.59 13.30 -42.01
CA CYS A 717 7.99 13.71 -42.02
C CYS A 717 8.22 15.00 -41.22
N TYR A 718 7.18 15.76 -40.93
CA TYR A 718 7.33 17.02 -40.21
C TYR A 718 7.29 16.87 -38.69
N ILE A 719 6.81 15.73 -38.18
CA ILE A 719 6.71 15.53 -36.73
C ILE A 719 8.06 15.08 -36.19
N THR A 720 8.55 15.78 -35.18
CA THR A 720 9.85 15.53 -34.59
C THR A 720 9.69 14.97 -33.18
N ARG A 721 10.82 14.81 -32.47
CA ARG A 721 10.80 14.25 -31.13
C ARG A 721 10.07 15.17 -30.15
N PHE A 722 10.14 16.48 -30.38
CA PHE A 722 9.44 17.47 -29.56
C PHE A 722 7.97 17.15 -29.35
N THR A 723 7.24 16.96 -30.44
CA THR A 723 5.87 16.51 -30.27
C THR A 723 5.89 15.07 -29.79
N GLU A 724 6.46 14.11 -30.50
CA GLU A 724 6.40 12.70 -30.06
C GLU A 724 7.01 12.48 -28.67
N GLU A 725 7.18 13.50 -27.84
CA GLU A 725 7.66 13.30 -26.44
C GLU A 725 6.90 14.26 -25.55
N ALA A 726 6.06 15.11 -26.11
CA ALA A 726 5.15 15.91 -25.27
C ALA A 726 3.83 15.17 -25.31
N PHE A 727 3.24 15.06 -26.48
CA PHE A 727 1.95 14.39 -26.56
C PHE A 727 1.91 13.11 -25.74
N ALA A 728 2.97 12.31 -25.78
CA ALA A 728 2.99 11.08 -24.99
C ALA A 728 2.88 11.38 -23.50
N ALA A 729 3.67 12.36 -23.01
CA ALA A 729 3.60 12.70 -21.60
C ALA A 729 2.23 13.24 -21.21
N LEU A 730 1.65 14.11 -22.04
CA LEU A 730 0.32 14.65 -21.72
C LEU A 730 -0.72 13.54 -21.67
N ILE A 731 -0.71 12.63 -22.64
CA ILE A 731 -1.72 11.57 -22.67
C ILE A 731 -1.55 10.65 -21.48
N CYS A 732 -0.31 10.29 -21.13
CA CYS A 732 -0.11 9.41 -19.97
C CYS A 732 -0.55 10.08 -18.67
N ILE A 733 -0.26 11.37 -18.49
CA ILE A 733 -0.67 12.05 -17.28
C ILE A 733 -2.20 12.13 -17.21
N ILE A 734 -2.85 12.42 -18.34
CA ILE A 734 -4.31 12.47 -18.36
C ILE A 734 -4.89 11.12 -18.01
N PHE A 735 -4.30 10.04 -18.54
CA PHE A 735 -4.79 8.69 -18.23
C PHE A 735 -4.66 8.39 -16.74
N ILE A 736 -3.53 8.76 -16.14
CA ILE A 736 -3.36 8.51 -14.70
C ILE A 736 -4.40 9.30 -13.90
N TYR A 737 -4.61 10.56 -14.26
CA TYR A 737 -5.60 11.38 -13.54
C TYR A 737 -7.00 10.80 -13.68
N GLU A 738 -7.35 10.32 -14.88
CA GLU A 738 -8.66 9.71 -15.06
C GLU A 738 -8.79 8.43 -14.23
N ALA A 739 -7.73 7.63 -14.16
CA ALA A 739 -7.77 6.41 -13.35
C ALA A 739 -7.99 6.74 -11.88
N LEU A 740 -7.37 7.81 -11.38
CA LEU A 740 -7.58 8.22 -10.00
C LEU A 740 -8.99 8.79 -9.79
N GLU A 741 -9.48 9.56 -10.76
CA GLU A 741 -10.80 10.17 -10.63
C GLU A 741 -11.89 9.11 -10.61
N LYS A 742 -11.70 8.03 -11.38
CA LYS A 742 -12.67 6.95 -11.37
C LYS A 742 -12.81 6.31 -9.99
N LEU A 743 -11.72 6.24 -9.22
CA LEU A 743 -11.82 5.77 -7.85
C LEU A 743 -12.44 6.83 -6.93
N PHE A 744 -12.04 8.09 -7.10
CA PHE A 744 -12.60 9.16 -6.27
C PHE A 744 -14.11 9.27 -6.44
N ASP A 745 -14.63 8.90 -7.62
CA ASP A 745 -16.06 8.99 -7.86
C ASP A 745 -16.86 8.03 -7.00
N LEU A 746 -16.27 6.90 -6.60
CA LEU A 746 -17.01 5.87 -5.86
C LEU A 746 -17.53 6.38 -4.52
N GLY A 747 -16.93 7.44 -3.95
CA GLY A 747 -17.36 7.92 -2.66
C GLY A 747 -18.75 8.52 -2.66
N GLU A 748 -19.22 9.02 -3.81
CA GLU A 748 -20.53 9.64 -3.86
C GLU A 748 -21.65 8.62 -3.82
N THR A 749 -21.49 7.50 -4.53
CA THR A 749 -22.55 6.50 -4.58
C THR A 749 -22.64 5.71 -3.28
N TYR A 750 -21.49 5.36 -2.70
CA TYR A 750 -21.42 4.58 -1.47
C TYR A 750 -20.91 5.49 -0.37
N ALA A 751 -21.81 6.20 0.28
CA ALA A 751 -21.47 7.16 1.32
C ALA A 751 -21.55 6.48 2.68
N PHE A 752 -20.49 6.61 3.48
CA PHE A 752 -20.43 6.03 4.80
C PHE A 752 -20.84 7.07 5.84
N ASN A 753 -20.93 6.63 7.10
CA ASN A 753 -21.33 7.49 8.20
C ASN A 753 -20.08 8.02 8.89
N MET A 754 -19.92 9.34 8.89
CA MET A 754 -18.72 9.98 9.43
C MET A 754 -18.75 10.11 10.95
N HIS A 755 -19.93 9.97 11.57
CA HIS A 755 -20.01 10.09 13.01
C HIS A 755 -21.12 9.20 13.58
N ASN A 756 -20.74 8.00 14.02
CA ASN A 756 -21.67 7.05 14.62
C ASN A 756 -21.17 6.64 15.99
N ASN A 757 -22.10 6.35 16.89
CA ASN A 757 -21.74 5.89 18.22
C ASN A 757 -21.83 4.37 18.28
N LEU A 758 -20.72 3.72 18.60
CA LEU A 758 -20.67 2.27 18.60
C LEU A 758 -21.42 1.65 19.78
N ASP A 759 -21.81 2.44 20.77
CA ASP A 759 -22.60 1.93 21.89
C ASP A 759 -24.09 1.98 21.64
N LYS A 760 -24.54 2.76 20.65
CA LYS A 760 -25.95 2.93 20.35
C LYS A 760 -26.37 2.22 19.07
N LEU A 761 -25.81 1.03 18.81
CA LEU A 761 -26.17 0.29 17.61
C LEU A 761 -27.55 -0.36 17.73
N THR A 762 -28.16 -0.33 18.90
CA THR A 762 -29.49 -0.89 19.12
C THR A 762 -30.58 0.06 18.63
N SER A 763 -30.17 1.30 18.33
CA SER A 763 -31.08 2.33 17.86
C SER A 763 -30.59 2.91 16.54
N TYR A 764 -30.24 2.03 15.60
CA TYR A 764 -29.60 2.45 14.36
C TYR A 764 -30.32 1.76 13.21
N SER A 765 -31.26 2.46 12.58
CA SER A 765 -32.06 1.86 11.52
C SER A 765 -32.66 2.95 10.64
N CYS A 766 -32.99 2.57 9.41
CA CYS A 766 -33.72 3.42 8.49
C CYS A 766 -35.12 2.85 8.26
N VAL A 767 -36.08 3.74 8.12
CA VAL A 767 -37.48 3.34 7.92
C VAL A 767 -38.09 4.18 6.80
N CYS A 768 -38.83 3.54 5.91
CA CYS A 768 -39.57 4.25 4.88
C CYS A 768 -40.95 4.64 5.40
N THR A 769 -41.27 5.92 5.34
CA THR A 769 -42.56 6.45 5.76
C THR A 769 -43.16 7.29 4.63
N GLU A 770 -44.48 7.42 4.65
CA GLU A 770 -45.17 8.19 3.62
C GLU A 770 -44.81 9.67 3.76
N PRO A 771 -44.69 10.38 2.63
CA PRO A 771 -44.28 11.77 2.67
C PRO A 771 -45.45 12.67 3.00
N PRO A 772 -45.33 13.50 4.04
CA PRO A 772 -46.39 14.49 4.31
C PRO A 772 -46.50 15.48 3.17
N ASN A 773 -47.73 15.97 2.94
CA ASN A 773 -48.16 16.90 1.90
C ASN A 773 -47.31 16.76 0.65
N PRO A 774 -47.34 15.61 -0.02
CA PRO A 774 -46.44 15.39 -1.15
C PRO A 774 -46.73 16.35 -2.31
N SER A 775 -45.69 16.62 -3.11
CA SER A 775 -45.80 17.58 -4.20
C SER A 775 -46.87 17.15 -5.19
N ASN A 776 -47.58 18.14 -5.75
CA ASN A 776 -48.62 17.83 -6.72
C ASN A 776 -48.04 17.15 -7.96
N GLU A 777 -46.74 17.31 -8.22
CA GLU A 777 -46.06 16.51 -9.24
C GLU A 777 -46.14 15.03 -8.92
N THR A 778 -45.79 14.66 -7.68
CA THR A 778 -45.85 13.26 -7.28
C THR A 778 -47.28 12.75 -7.30
N LEU A 779 -48.25 13.59 -6.97
CA LEU A 779 -49.66 13.22 -7.04
C LEU A 779 -50.03 12.88 -8.48
N ALA A 780 -49.55 13.69 -9.43
CA ALA A 780 -49.77 13.43 -10.85
C ALA A 780 -49.17 12.09 -11.26
N GLN A 781 -47.95 11.83 -10.79
CA GLN A 781 -47.27 10.58 -11.08
C GLN A 781 -48.09 9.41 -10.59
N TRP A 782 -48.57 9.50 -9.35
CA TRP A 782 -49.36 8.42 -8.76
C TRP A 782 -50.65 8.22 -9.53
N LYS A 783 -51.27 9.32 -9.98
CA LYS A 783 -52.55 9.22 -10.67
C LYS A 783 -52.40 8.56 -12.03
N LYS A 784 -51.43 8.98 -12.85
CA LYS A 784 -51.19 8.26 -14.09
C LYS A 784 -50.64 6.85 -13.90
N ASP A 785 -50.05 6.55 -12.74
CA ASP A 785 -49.71 5.18 -12.40
C ASP A 785 -50.77 4.49 -11.55
N ASN A 786 -51.86 5.17 -11.20
CA ASN A 786 -52.92 4.59 -10.38
C ASN A 786 -52.31 4.06 -9.09
N ILE A 787 -51.81 4.98 -8.26
CA ILE A 787 -51.12 4.64 -7.02
C ILE A 787 -51.87 5.32 -5.88
N THR A 788 -52.45 4.54 -4.98
CA THR A 788 -53.16 5.07 -3.82
C THR A 788 -52.22 5.11 -2.62
N ALA A 789 -52.11 6.28 -1.99
CA ALA A 789 -51.22 6.46 -0.85
C ALA A 789 -51.66 5.64 0.36
N HIS A 790 -52.98 5.54 0.58
CA HIS A 790 -53.49 4.99 1.82
C HIS A 790 -53.18 3.50 1.96
N ASN A 791 -53.49 2.71 0.93
CA ASN A 791 -53.47 1.26 1.07
C ASN A 791 -52.04 0.72 1.08
N ILE A 792 -51.11 1.42 0.46
CA ILE A 792 -49.74 0.94 0.32
C ILE A 792 -49.06 0.81 1.67
N SER A 793 -48.47 -0.35 1.93
CA SER A 793 -47.61 -0.52 3.10
C SER A 793 -46.28 0.18 2.87
N TRP A 794 -45.90 1.01 3.82
CA TRP A 794 -44.69 1.83 3.69
C TRP A 794 -43.52 1.25 4.47
N ARG A 795 -43.78 0.39 5.44
CA ARG A 795 -42.73 -0.12 6.31
C ARG A 795 -41.99 -1.31 5.72
N ASN A 796 -42.44 -1.80 4.57
CA ASN A 796 -41.71 -2.84 3.84
C ASN A 796 -40.97 -2.39 2.59
N LEU A 797 -41.36 -1.26 2.00
CA LEU A 797 -40.74 -0.84 0.75
C LEU A 797 -39.23 -0.73 0.90
N THR A 798 -38.50 -1.37 0.00
CA THR A 798 -37.04 -1.35 0.04
C THR A 798 -36.52 -0.03 -0.51
N VAL A 799 -35.20 0.13 -0.54
CA VAL A 799 -34.59 1.39 -0.95
C VAL A 799 -34.96 1.75 -2.38
N SER A 800 -34.82 0.80 -3.31
CA SER A 800 -35.15 1.09 -4.70
C SER A 800 -36.64 1.37 -4.87
N GLU A 801 -37.51 0.59 -4.23
CA GLU A 801 -38.94 0.83 -4.34
C GLU A 801 -39.32 2.16 -3.68
N CYS A 802 -38.69 2.50 -2.55
CA CYS A 802 -38.96 3.77 -1.91
C CYS A 802 -38.55 4.94 -2.80
N LYS A 803 -37.38 4.83 -3.45
CA LYS A 803 -36.95 5.89 -4.34
C LYS A 803 -37.85 6.00 -5.57
N LYS A 804 -38.36 4.86 -6.05
CA LYS A 804 -39.28 4.89 -7.18
C LYS A 804 -40.62 5.53 -6.80
N LEU A 805 -41.10 5.27 -5.59
CA LEU A 805 -42.40 5.79 -5.18
C LEU A 805 -42.28 7.17 -4.56
N ARG A 806 -41.07 7.73 -4.54
CA ARG A 806 -40.80 9.05 -3.98
C ARG A 806 -41.21 9.12 -2.51
N GLY A 807 -40.60 8.28 -1.67
CA GLY A 807 -40.84 8.30 -0.25
C GLY A 807 -39.80 9.13 0.48
N VAL A 808 -39.97 9.24 1.79
CA VAL A 808 -39.07 9.99 2.65
C VAL A 808 -38.52 9.04 3.71
N PHE A 809 -37.20 9.08 3.91
CA PHE A 809 -36.56 8.24 4.91
C PHE A 809 -36.47 8.98 6.24
N LEU A 810 -36.80 8.28 7.32
CA LEU A 810 -36.79 8.89 8.65
C LEU A 810 -36.16 7.90 9.62
N GLY A 811 -34.90 8.16 9.98
CA GLY A 811 -34.20 7.31 10.91
C GLY A 811 -32.90 7.93 11.34
N SER A 812 -32.15 7.19 12.14
CA SER A 812 -30.85 7.64 12.63
C SER A 812 -29.71 7.29 11.70
N ALA A 813 -29.96 6.49 10.66
CA ALA A 813 -28.94 6.13 9.68
C ALA A 813 -29.16 6.78 8.33
N CYS A 814 -30.09 7.72 8.23
CA CYS A 814 -30.39 8.36 6.95
C CYS A 814 -29.24 9.28 6.53
N GLY A 815 -29.22 9.61 5.25
CA GLY A 815 -28.18 10.46 4.69
C GLY A 815 -28.76 11.50 3.76
N HIS A 816 -27.98 11.92 2.77
CA HIS A 816 -28.45 12.92 1.82
C HIS A 816 -29.64 12.38 1.01
N HIS A 817 -29.48 11.20 0.41
CA HIS A 817 -30.59 10.45 -0.16
C HIS A 817 -30.32 8.95 -0.07
N GLY A 818 -30.92 8.30 0.92
CA GLY A 818 -30.77 6.88 1.08
C GLY A 818 -29.94 6.52 2.30
N PRO A 819 -30.18 5.32 2.85
CA PRO A 819 -29.41 4.88 4.00
C PRO A 819 -27.92 4.79 3.69
N TYR A 820 -27.10 5.03 4.71
CA TYR A 820 -25.66 4.92 4.55
C TYR A 820 -25.27 3.49 4.21
N ILE A 821 -24.32 3.34 3.31
CA ILE A 821 -23.82 2.04 2.88
C ILE A 821 -22.62 1.67 3.75
N PRO A 822 -22.69 0.60 4.54
CA PRO A 822 -21.57 0.27 5.43
C PRO A 822 -20.44 -0.42 4.68
N ASP A 823 -19.21 -0.06 5.03
CA ASP A 823 -17.95 -0.70 4.63
C ASP A 823 -17.91 -1.23 3.19
N VAL A 824 -18.30 -0.41 2.23
CA VAL A 824 -18.11 -0.76 0.82
C VAL A 824 -17.06 0.13 0.16
N LEU A 825 -16.98 1.40 0.56
CA LEU A 825 -16.04 2.31 -0.05
C LEU A 825 -14.60 1.95 0.31
N PHE A 826 -14.33 1.72 1.60
CA PHE A 826 -12.97 1.41 2.03
C PHE A 826 -12.49 0.07 1.50
N TRP A 827 -13.40 -0.91 1.36
CA TRP A 827 -13.03 -2.15 0.69
C TRP A 827 -12.63 -1.90 -0.75
N CYS A 828 -13.34 -1.00 -1.44
CA CYS A 828 -12.97 -0.65 -2.81
C CYS A 828 -11.59 0.00 -2.85
N VAL A 829 -11.31 0.89 -1.90
CA VAL A 829 -9.98 1.52 -1.85
C VAL A 829 -8.89 0.49 -1.63
N ILE A 830 -9.13 -0.45 -0.70
CA ILE A 830 -8.17 -1.51 -0.44
C ILE A 830 -7.93 -2.34 -1.69
N LEU A 831 -9.00 -2.72 -2.39
CA LEU A 831 -8.85 -3.46 -3.64
C LEU A 831 -8.03 -2.68 -4.65
N PHE A 832 -8.35 -1.40 -4.84
CA PHE A 832 -7.70 -0.59 -5.86
C PHE A 832 -6.21 -0.48 -5.60
N PHE A 833 -5.81 -0.18 -4.36
CA PHE A 833 -4.39 -0.01 -4.08
C PHE A 833 -3.64 -1.33 -3.98
N THR A 834 -4.26 -2.38 -3.43
CA THR A 834 -3.61 -3.67 -3.34
C THR A 834 -3.35 -4.25 -4.72
N THR A 835 -4.29 -4.08 -5.66
CA THR A 835 -4.04 -4.57 -7.01
C THR A 835 -2.81 -3.92 -7.63
N PHE A 836 -2.70 -2.59 -7.54
CA PHE A 836 -1.55 -1.90 -8.11
C PHE A 836 -0.25 -2.33 -7.44
N PHE A 837 -0.23 -2.38 -6.10
CA PHE A 837 0.99 -2.77 -5.41
C PHE A 837 1.40 -4.21 -5.72
N LEU A 838 0.44 -5.14 -5.75
CA LEU A 838 0.75 -6.53 -6.05
C LEU A 838 1.24 -6.70 -7.49
N SER A 839 0.63 -5.98 -8.44
CA SER A 839 1.11 -6.06 -9.82
C SER A 839 2.52 -5.50 -9.94
N SER A 840 2.80 -4.38 -9.27
CA SER A 840 4.16 -3.82 -9.31
C SER A 840 5.16 -4.79 -8.71
N PHE A 841 4.80 -5.45 -7.61
CA PHE A 841 5.71 -6.42 -6.99
C PHE A 841 5.92 -7.63 -7.89
N LEU A 842 4.85 -8.14 -8.51
CA LEU A 842 4.97 -9.33 -9.33
C LEU A 842 5.69 -9.07 -10.64
N LYS A 843 5.69 -7.83 -11.11
CA LYS A 843 6.39 -7.50 -12.35
C LYS A 843 7.86 -7.13 -12.08
N GLN A 844 8.42 -7.62 -10.97
CA GLN A 844 9.80 -7.32 -10.63
C GLN A 844 10.60 -8.57 -10.29
N PHE A 845 10.12 -9.76 -10.69
CA PHE A 845 10.87 -10.98 -10.45
C PHE A 845 11.92 -11.24 -11.52
N LYS A 846 12.02 -10.40 -12.55
CA LYS A 846 13.09 -10.49 -13.53
C LYS A 846 14.38 -9.86 -13.02
N THR A 847 14.37 -9.36 -11.78
CA THR A 847 15.57 -8.80 -11.16
C THR A 847 16.01 -9.66 -9.99
N LYS A 848 15.12 -10.48 -9.43
CA LYS A 848 15.45 -11.36 -8.32
C LYS A 848 16.44 -12.43 -8.76
N ARG A 849 17.06 -13.11 -7.79
CA ARG A 849 18.10 -14.08 -8.12
C ARG A 849 17.86 -15.42 -7.43
N TYR A 850 17.01 -15.45 -6.41
CA TYR A 850 16.79 -16.69 -5.66
C TYR A 850 15.64 -17.52 -6.22
N PHE A 851 15.65 -17.78 -7.53
CA PHE A 851 14.61 -18.58 -8.17
C PHE A 851 15.16 -19.18 -9.46
N PRO A 852 14.54 -20.23 -10.00
CA PRO A 852 14.99 -20.77 -11.29
C PRO A 852 14.78 -19.80 -12.43
N THR A 853 15.24 -20.17 -13.64
CA THR A 853 15.08 -19.30 -14.80
C THR A 853 13.71 -19.46 -15.43
N LYS A 854 12.98 -20.53 -15.11
CA LYS A 854 11.66 -20.77 -15.67
C LYS A 854 10.55 -20.35 -14.70
N VAL A 855 10.92 -19.76 -13.57
CA VAL A 855 9.94 -19.27 -12.60
C VAL A 855 10.16 -17.77 -12.43
N ARG A 856 11.31 -17.29 -12.89
CA ARG A 856 11.57 -15.86 -12.90
C ARG A 856 11.16 -15.21 -14.22
N SER A 857 10.60 -15.98 -15.16
CA SER A 857 10.10 -15.43 -16.41
C SER A 857 8.76 -16.03 -16.80
N THR A 858 8.06 -16.64 -15.84
CA THR A 858 6.73 -17.21 -16.09
C THR A 858 5.71 -16.59 -15.14
N ILE A 859 6.18 -15.99 -14.05
CA ILE A 859 5.30 -15.21 -13.17
C ILE A 859 5.84 -13.79 -13.14
N SER A 860 6.67 -13.44 -14.13
CA SER A 860 7.17 -12.09 -14.29
C SER A 860 6.69 -11.51 -15.61
N ASP A 861 6.08 -12.36 -16.44
CA ASP A 861 5.46 -11.94 -17.69
C ASP A 861 3.96 -12.19 -17.58
N PHE A 862 3.54 -12.73 -16.44
CA PHE A 862 2.14 -12.98 -16.14
C PHE A 862 1.76 -12.22 -14.87
N ALA A 863 2.28 -11.00 -14.73
CA ALA A 863 2.16 -10.25 -13.49
C ALA A 863 0.78 -9.65 -13.26
N VAL A 864 0.04 -9.30 -14.31
CA VAL A 864 -1.22 -8.59 -14.14
C VAL A 864 -2.41 -9.51 -14.43
N PHE A 865 -2.14 -10.73 -14.88
CA PHE A 865 -3.20 -11.74 -14.96
C PHE A 865 -3.28 -12.60 -13.72
N LEU A 866 -2.16 -12.86 -13.04
CA LEU A 866 -2.18 -13.53 -11.75
C LEU A 866 -2.77 -12.61 -10.68
N THR A 867 -2.48 -11.32 -10.78
CA THR A 867 -3.01 -10.33 -9.84
C THR A 867 -4.53 -10.28 -9.90
N ILE A 868 -5.09 -10.27 -11.10
CA ILE A 868 -6.54 -10.21 -11.24
C ILE A 868 -7.19 -11.44 -10.63
N VAL A 869 -6.65 -12.63 -10.88
CA VAL A 869 -7.23 -13.85 -10.34
C VAL A 869 -7.16 -13.84 -8.82
N ILE A 870 -6.01 -13.47 -8.26
CA ILE A 870 -5.85 -13.46 -6.81
C ILE A 870 -6.82 -12.48 -6.17
N MET A 871 -6.94 -11.27 -6.73
CA MET A 871 -7.82 -10.28 -6.13
C MET A 871 -9.29 -10.65 -6.30
N VAL A 872 -9.67 -11.26 -7.43
CA VAL A 872 -11.04 -11.72 -7.58
C VAL A 872 -11.35 -12.81 -6.56
N THR A 873 -10.41 -13.74 -6.34
CA THR A 873 -10.61 -14.77 -5.33
C THR A 873 -10.76 -14.16 -3.94
N ILE A 874 -9.91 -13.19 -3.59
CA ILE A 874 -10.00 -12.56 -2.28
C ILE A 874 -11.34 -11.85 -2.12
N ASP A 875 -11.76 -11.11 -3.15
CA ASP A 875 -13.05 -10.42 -3.08
C ASP A 875 -14.22 -11.39 -2.94
N TYR A 876 -14.18 -12.50 -3.67
CA TYR A 876 -15.20 -13.52 -3.52
C TYR A 876 -15.23 -14.13 -2.12
N LEU A 877 -14.06 -14.42 -1.54
CA LEU A 877 -14.02 -14.98 -0.19
C LEU A 877 -14.52 -14.00 0.86
N VAL A 878 -14.15 -12.73 0.77
CA VAL A 878 -14.60 -11.76 1.77
C VAL A 878 -16.11 -11.54 1.68
N GLY A 879 -16.65 -11.37 0.47
CA GLY A 879 -18.08 -11.30 0.29
C GLY A 879 -18.71 -9.93 0.41
N VAL A 880 -17.92 -8.88 0.59
CA VAL A 880 -18.49 -7.52 0.63
C VAL A 880 -19.01 -7.16 -0.76
N PRO A 881 -20.23 -6.65 -0.89
CA PRO A 881 -20.79 -6.38 -2.23
C PRO A 881 -20.23 -5.14 -2.90
N SER A 882 -19.00 -5.26 -3.44
CA SER A 882 -18.39 -4.19 -4.20
C SER A 882 -18.99 -4.16 -5.60
N PRO A 883 -18.87 -3.04 -6.35
CA PRO A 883 -19.40 -3.03 -7.72
C PRO A 883 -18.74 -4.05 -8.62
N LYS A 884 -19.50 -4.67 -9.51
CA LYS A 884 -19.00 -5.70 -10.39
C LYS A 884 -19.18 -5.29 -11.85
N LEU A 885 -18.56 -6.06 -12.74
CA LEU A 885 -18.60 -5.79 -14.17
C LEU A 885 -19.84 -6.44 -14.77
N HIS A 886 -20.69 -5.63 -15.42
CA HIS A 886 -21.92 -6.11 -16.03
C HIS A 886 -21.75 -6.15 -17.54
N VAL A 887 -21.73 -7.36 -18.10
CA VAL A 887 -21.64 -7.57 -19.54
C VAL A 887 -23.04 -7.92 -20.05
N PRO A 888 -23.54 -7.27 -21.09
CA PRO A 888 -24.90 -7.56 -21.58
C PRO A 888 -25.03 -9.00 -22.06
N GLU A 889 -26.21 -9.56 -21.83
CA GLU A 889 -26.49 -10.96 -22.12
C GLU A 889 -27.23 -11.16 -23.44
N LYS A 890 -28.08 -10.23 -23.84
CA LYS A 890 -28.83 -10.33 -25.08
C LYS A 890 -27.91 -10.15 -26.27
N PHE A 891 -28.36 -10.60 -27.44
CA PHE A 891 -27.61 -10.46 -28.68
C PHE A 891 -28.30 -9.54 -29.67
N GLU A 892 -29.63 -9.47 -29.64
CA GLU A 892 -30.38 -8.57 -30.51
C GLU A 892 -30.15 -7.13 -30.12
N PRO A 893 -30.35 -6.18 -31.05
CA PRO A 893 -30.09 -4.77 -30.74
C PRO A 893 -30.94 -4.24 -29.60
N THR A 894 -30.57 -3.08 -29.06
CA THR A 894 -31.21 -2.53 -27.88
C THR A 894 -32.63 -2.07 -28.18
N HIS A 895 -32.78 -1.11 -29.09
CA HIS A 895 -34.10 -0.64 -29.48
C HIS A 895 -34.83 -1.77 -30.19
N PRO A 896 -36.11 -2.02 -29.87
CA PRO A 896 -36.82 -3.15 -30.48
C PRO A 896 -36.98 -3.07 -31.98
N GLU A 897 -36.83 -1.88 -32.58
CA GLU A 897 -36.86 -1.73 -34.03
C GLU A 897 -35.52 -1.11 -34.43
N ARG A 898 -34.50 -1.96 -34.56
CA ARG A 898 -33.18 -1.48 -34.96
C ARG A 898 -32.47 -2.50 -35.84
N GLY A 899 -33.22 -3.28 -36.62
CA GLY A 899 -32.63 -4.23 -37.54
C GLY A 899 -31.41 -3.68 -38.24
N TRP A 900 -30.28 -4.41 -38.19
CA TRP A 900 -28.99 -3.79 -38.45
C TRP A 900 -28.80 -3.44 -39.92
N ILE A 901 -29.36 -2.29 -40.32
CA ILE A 901 -29.04 -1.62 -41.57
C ILE A 901 -29.63 -0.22 -41.47
N ILE A 902 -28.93 0.77 -42.01
CA ILE A 902 -29.41 2.15 -41.95
C ILE A 902 -29.13 2.83 -43.28
N SER A 903 -30.18 3.01 -44.09
CA SER A 903 -30.04 3.73 -45.34
C SER A 903 -29.73 5.19 -45.05
N PRO A 904 -28.87 5.82 -45.87
CA PRO A 904 -28.54 7.24 -45.63
C PRO A 904 -29.75 8.14 -45.52
N LEU A 905 -30.75 7.92 -46.37
CA LEU A 905 -31.97 8.71 -46.29
C LEU A 905 -33.21 7.81 -46.29
N GLY A 906 -33.95 7.86 -45.18
CA GLY A 906 -35.23 7.18 -45.14
C GLY A 906 -36.38 8.03 -44.65
N ASP A 907 -36.08 9.07 -43.88
CA ASP A 907 -37.14 9.91 -43.33
C ASP A 907 -36.64 11.35 -43.33
N ASN A 908 -35.80 11.71 -44.31
CA ASN A 908 -35.23 13.05 -44.31
C ASN A 908 -35.28 13.65 -45.71
N PRO A 909 -35.30 14.98 -45.81
CA PRO A 909 -35.20 15.62 -47.13
C PRO A 909 -33.86 15.33 -47.78
N TRP A 910 -33.85 15.38 -49.11
CA TRP A 910 -32.70 14.98 -49.90
C TRP A 910 -31.51 15.92 -49.77
N TRP A 911 -31.68 17.10 -49.18
CA TRP A 911 -30.57 18.04 -49.07
C TRP A 911 -29.72 17.82 -47.81
N THR A 912 -30.19 17.01 -46.86
CA THR A 912 -29.37 16.75 -45.68
C THR A 912 -28.14 15.92 -46.03
N LEU A 913 -28.20 15.15 -47.11
CA LEU A 913 -27.02 14.44 -47.59
C LEU A 913 -25.96 15.42 -48.06
N LEU A 914 -26.37 16.46 -48.78
CA LEU A 914 -25.42 17.44 -49.29
C LEU A 914 -24.98 18.42 -48.22
N ILE A 915 -25.75 18.55 -47.14
CA ILE A 915 -25.32 19.42 -46.05
C ILE A 915 -24.45 18.66 -45.05
N ALA A 916 -24.64 17.35 -44.93
CA ALA A 916 -23.87 16.56 -43.96
C ALA A 916 -22.39 16.50 -44.29
N ALA A 917 -21.98 16.91 -45.49
CA ALA A 917 -20.57 16.85 -45.85
C ALA A 917 -19.73 17.90 -45.14
N ILE A 918 -20.36 18.95 -44.62
CA ILE A 918 -19.63 20.05 -43.99
C ILE A 918 -18.92 19.58 -42.72
N PRO A 919 -19.57 18.86 -41.79
CA PRO A 919 -18.82 18.32 -40.64
C PRO A 919 -17.85 17.20 -41.01
N ALA A 920 -18.02 16.59 -42.19
CA ALA A 920 -17.17 15.49 -42.59
C ALA A 920 -15.72 15.92 -42.75
N LEU A 921 -15.48 17.13 -43.27
CA LEU A 921 -14.11 17.62 -43.40
C LEU A 921 -13.42 17.71 -42.04
N LEU A 922 -14.10 18.32 -41.07
CA LEU A 922 -13.53 18.44 -39.73
C LEU A 922 -13.31 17.07 -39.09
N CYS A 923 -14.28 16.17 -39.21
CA CYS A 923 -14.13 14.84 -38.63
C CYS A 923 -12.97 14.08 -39.28
N THR A 924 -12.85 14.15 -40.60
CA THR A 924 -11.77 13.47 -41.30
C THR A 924 -10.42 14.03 -40.87
N ILE A 925 -10.29 15.36 -40.79
CA ILE A 925 -9.03 15.94 -40.37
C ILE A 925 -8.68 15.51 -38.96
N LEU A 926 -9.66 15.52 -38.06
CA LEU A 926 -9.41 15.18 -36.66
C LEU A 926 -8.97 13.73 -36.52
N ILE A 927 -9.70 12.81 -37.17
CA ILE A 927 -9.35 11.39 -37.11
C ILE A 927 -7.99 11.13 -37.74
N PHE A 928 -7.72 11.75 -38.90
CA PHE A 928 -6.41 11.63 -39.53
C PHE A 928 -5.28 12.05 -38.61
N MET A 929 -5.41 13.22 -37.97
CA MET A 929 -4.34 13.68 -37.09
C MET A 929 -4.17 12.77 -35.87
N ASP A 930 -5.27 12.31 -35.28
CA ASP A 930 -5.15 11.42 -34.12
C ASP A 930 -4.46 10.11 -34.52
N GLN A 931 -4.92 9.47 -35.60
CA GLN A 931 -4.34 8.21 -36.02
C GLN A 931 -2.87 8.36 -36.39
N GLN A 932 -2.51 9.44 -37.10
CA GLN A 932 -1.12 9.63 -37.48
C GLN A 932 -0.21 9.95 -36.30
N ILE A 933 -0.67 10.74 -35.32
CA ILE A 933 0.19 10.99 -34.18
C ILE A 933 0.38 9.71 -33.36
N THR A 934 -0.66 8.88 -33.24
CA THR A 934 -0.47 7.60 -32.58
C THR A 934 0.50 6.70 -33.33
N ALA A 935 0.39 6.62 -34.66
CA ALA A 935 1.34 5.84 -35.45
C ALA A 935 2.77 6.36 -35.33
N VAL A 936 2.96 7.67 -35.29
CA VAL A 936 4.30 8.23 -35.10
C VAL A 936 4.85 7.86 -33.73
N ILE A 937 4.03 7.95 -32.69
CA ILE A 937 4.51 7.60 -31.35
C ILE A 937 4.90 6.13 -31.29
N ILE A 938 4.11 5.25 -31.89
CA ILE A 938 4.38 3.81 -31.79
C ILE A 938 5.65 3.41 -32.54
N ASN A 939 5.92 4.02 -33.69
CA ASN A 939 7.02 3.60 -34.57
C ASN A 939 8.32 4.35 -34.26
N ARG A 940 8.54 4.70 -33.00
CA ARG A 940 9.76 5.38 -32.61
C ARG A 940 10.97 4.48 -32.81
N LYS A 941 12.12 5.11 -33.07
CA LYS A 941 13.34 4.37 -33.38
C LYS A 941 13.89 3.63 -32.18
N GLU A 942 13.51 4.01 -30.96
CA GLU A 942 14.07 3.36 -29.78
C GLU A 942 13.55 1.94 -29.60
N HIS A 943 12.41 1.61 -30.22
CA HIS A 943 11.85 0.28 -30.07
C HIS A 943 12.53 -0.75 -30.96
N LYS A 944 13.41 -0.31 -31.87
CA LYS A 944 14.19 -1.20 -32.74
C LYS A 944 13.27 -2.14 -33.53
N LEU A 945 12.42 -1.52 -34.35
CA LEU A 945 11.52 -2.26 -35.22
C LEU A 945 12.33 -2.90 -36.36
N LYS A 946 12.09 -4.18 -36.59
CA LYS A 946 12.73 -4.88 -37.71
C LYS A 946 11.86 -4.83 -38.95
N LYS A 947 10.64 -5.34 -38.85
CA LYS A 947 9.68 -5.27 -39.95
C LYS A 947 9.21 -3.84 -40.12
N GLY A 948 9.24 -3.33 -41.35
CA GLY A 948 8.96 -1.93 -41.61
C GLY A 948 7.49 -1.61 -41.33
N ALA A 949 7.19 -0.33 -41.15
CA ALA A 949 5.83 0.12 -40.91
C ALA A 949 5.30 0.95 -42.06
N GLY A 950 3.97 0.99 -42.17
CA GLY A 950 3.33 1.78 -43.21
C GLY A 950 2.22 2.65 -42.65
N TYR A 951 2.12 3.88 -43.16
CA TYR A 951 1.13 4.83 -42.65
C TYR A 951 -0.09 4.97 -43.55
N HIS A 952 0.07 4.78 -44.87
CA HIS A 952 -1.06 4.94 -45.77
C HIS A 952 -2.10 3.84 -45.58
N LEU A 953 -1.65 2.60 -45.42
CA LEU A 953 -2.57 1.49 -45.26
C LEU A 953 -3.35 1.59 -43.96
N ASP A 954 -2.71 2.05 -42.88
CA ASP A 954 -3.41 2.28 -41.62
C ASP A 954 -4.59 3.20 -41.81
N LEU A 955 -4.35 4.38 -42.41
CA LEU A 955 -5.41 5.34 -42.65
C LEU A 955 -6.48 4.79 -43.59
N LEU A 956 -6.08 4.07 -44.65
CA LEU A 956 -7.07 3.51 -45.56
C LEU A 956 -8.01 2.56 -44.84
N MET A 957 -7.46 1.64 -44.04
CA MET A 957 -8.32 0.66 -43.38
C MET A 957 -9.13 1.30 -42.26
N VAL A 958 -8.57 2.30 -41.57
CA VAL A 958 -9.34 3.02 -40.57
C VAL A 958 -10.54 3.70 -41.22
N GLY A 959 -10.33 4.33 -42.38
CA GLY A 959 -11.44 4.95 -43.08
C GLY A 959 -12.48 3.95 -43.55
N VAL A 960 -12.02 2.81 -44.07
CA VAL A 960 -12.95 1.79 -44.57
C VAL A 960 -13.82 1.26 -43.43
N MET A 961 -13.20 0.91 -42.30
CA MET A 961 -14.00 0.45 -41.17
C MET A 961 -14.82 1.56 -40.54
N LEU A 962 -14.39 2.81 -40.61
CA LEU A 962 -15.25 3.90 -40.16
C LEU A 962 -16.51 3.97 -41.00
N GLY A 963 -16.39 3.85 -42.32
CA GLY A 963 -17.57 3.80 -43.16
C GLY A 963 -18.46 2.61 -42.90
N VAL A 964 -17.87 1.42 -42.70
CA VAL A 964 -18.67 0.23 -42.43
C VAL A 964 -19.42 0.39 -41.11
N CYS A 965 -18.74 0.87 -40.07
CA CYS A 965 -19.39 1.07 -38.77
C CYS A 965 -20.48 2.12 -38.85
N SER A 966 -20.27 3.19 -39.62
CA SER A 966 -21.30 4.19 -39.79
C SER A 966 -22.52 3.64 -40.52
N VAL A 967 -22.32 2.82 -41.55
CA VAL A 967 -23.46 2.22 -42.24
C VAL A 967 -24.21 1.25 -41.33
N MET A 968 -23.50 0.40 -40.60
CA MET A 968 -24.17 -0.58 -39.75
C MET A 968 -24.82 0.05 -38.52
N GLY A 969 -24.47 1.29 -38.20
CA GLY A 969 -25.03 1.95 -37.03
C GLY A 969 -24.25 1.65 -35.78
N LEU A 970 -22.93 1.64 -35.88
CA LEU A 970 -22.03 1.29 -34.81
C LEU A 970 -21.13 2.48 -34.47
N PRO A 971 -20.63 2.56 -33.24
CA PRO A 971 -19.82 3.72 -32.84
C PRO A 971 -18.48 3.72 -33.55
N TRP A 972 -17.85 4.88 -33.55
CA TRP A 972 -16.61 5.13 -34.27
C TRP A 972 -15.40 4.78 -33.40
N PHE A 973 -14.38 4.22 -34.04
CA PHE A 973 -13.19 3.76 -33.33
C PHE A 973 -11.94 4.26 -34.02
N VAL A 974 -11.03 4.85 -33.25
CA VAL A 974 -9.75 5.34 -33.72
C VAL A 974 -8.67 4.87 -32.75
N ALA A 975 -7.42 5.13 -33.09
CA ALA A 975 -6.29 4.62 -32.32
C ALA A 975 -6.24 5.24 -30.93
N ALA A 976 -5.85 4.43 -29.95
CA ALA A 976 -5.67 4.87 -28.57
C ALA A 976 -4.20 4.77 -28.20
N THR A 977 -3.69 5.80 -27.52
CA THR A 977 -2.26 5.90 -27.27
C THR A 977 -1.79 5.05 -26.10
N VAL A 978 -2.44 5.17 -24.94
CA VAL A 978 -2.00 4.44 -23.76
C VAL A 978 -2.15 2.94 -23.96
N LEU A 979 -3.27 2.50 -24.53
CA LEU A 979 -3.47 1.07 -24.78
C LEU A 979 -2.43 0.53 -25.74
N SER A 980 -2.13 1.27 -26.82
CA SER A 980 -1.15 0.80 -27.79
C SER A 980 0.25 0.77 -27.19
N ILE A 981 0.60 1.76 -26.38
CA ILE A 981 1.91 1.76 -25.72
C ILE A 981 2.02 0.59 -24.76
N SER A 982 0.95 0.29 -24.01
CA SER A 982 0.98 -0.87 -23.12
C SER A 982 1.05 -2.17 -23.91
N HIS A 983 0.43 -2.23 -25.08
CA HIS A 983 0.54 -3.41 -25.92
C HIS A 983 1.96 -3.60 -26.41
N VAL A 984 2.63 -2.53 -26.82
CA VAL A 984 4.01 -2.63 -27.27
C VAL A 984 4.93 -3.01 -26.13
N ASN A 985 4.76 -2.41 -24.96
CA ASN A 985 5.62 -2.69 -23.82
C ASN A 985 5.46 -4.10 -23.29
N SER A 986 4.35 -4.77 -23.59
CA SER A 986 4.12 -6.12 -23.10
C SER A 986 4.77 -7.19 -23.97
N LEU A 987 5.26 -6.83 -25.15
CA LEU A 987 5.92 -7.77 -26.05
C LEU A 987 7.42 -7.55 -26.14
N LYS A 988 8.00 -6.77 -25.22
CA LYS A 988 9.43 -6.52 -25.23
C LYS A 988 10.20 -7.84 -25.04
N VAL A 989 11.31 -7.97 -25.76
CA VAL A 989 12.17 -9.14 -25.63
C VAL A 989 13.48 -8.68 -25.00
N GLU A 990 13.87 -9.32 -23.90
CA GLU A 990 15.08 -8.97 -23.18
C GLU A 990 16.06 -10.12 -23.21
N SER A 991 17.34 -9.79 -23.04
CA SER A 991 18.40 -10.79 -23.09
C SER A 991 18.47 -11.58 -21.79
N GLU A 992 19.45 -12.46 -21.64
CA GLU A 992 19.46 -13.34 -20.45
C GLU A 992 20.28 -12.92 -19.22
N CYS A 993 21.46 -12.33 -19.42
CA CYS A 993 22.32 -11.95 -18.31
C CYS A 993 21.96 -10.60 -17.72
N SER A 994 22.37 -10.35 -16.49
CA SER A 994 22.12 -9.05 -15.91
C SER A 994 22.76 -8.79 -14.55
N ALA A 995 23.27 -9.81 -13.87
CA ALA A 995 23.78 -9.54 -12.52
C ALA A 995 25.11 -8.83 -12.58
N PRO A 996 26.11 -9.40 -13.28
CA PRO A 996 27.35 -8.65 -13.40
C PRO A 996 27.13 -7.45 -14.32
N GLY A 997 26.09 -7.47 -15.14
CA GLY A 997 25.74 -6.33 -15.95
C GLY A 997 24.50 -5.81 -15.26
N GLU A 998 23.43 -5.54 -16.01
CA GLU A 998 22.18 -5.15 -15.38
C GLU A 998 21.05 -5.08 -16.38
N GLN A 999 19.82 -5.28 -15.91
CA GLN A 999 18.63 -5.19 -16.74
C GLN A 999 18.92 -5.52 -18.19
N PRO A 1000 18.94 -6.78 -18.52
CA PRO A 1000 19.08 -7.23 -19.91
C PRO A 1000 18.81 -6.15 -20.95
N LYS A 1001 19.77 -5.95 -21.86
CA LYS A 1001 19.62 -4.93 -22.88
C LYS A 1001 18.44 -5.25 -23.79
N PHE A 1002 17.64 -4.23 -24.08
CA PHE A 1002 16.44 -4.41 -24.87
C PHE A 1002 16.78 -4.73 -26.32
N LEU A 1003 16.40 -5.93 -26.77
CA LEU A 1003 16.74 -6.39 -28.12
C LEU A 1003 15.67 -6.06 -29.15
N GLY A 1004 14.40 -6.03 -28.78
CA GLY A 1004 13.37 -5.71 -29.75
C GLY A 1004 11.95 -6.04 -29.35
N ILE A 1005 11.00 -5.46 -30.09
CA ILE A 1005 9.58 -5.74 -29.87
C ILE A 1005 9.19 -6.94 -30.71
N ARG A 1006 8.54 -7.92 -30.08
CA ARG A 1006 8.08 -9.09 -30.81
C ARG A 1006 6.99 -8.70 -31.80
N GLU A 1007 7.29 -8.82 -33.08
CA GLU A 1007 6.43 -8.33 -34.16
C GLU A 1007 5.49 -9.47 -34.56
N GLN A 1008 4.18 -9.21 -34.48
CA GLN A 1008 3.20 -10.26 -34.74
C GLN A 1008 1.82 -9.69 -35.03
N ARG A 1009 0.88 -10.57 -35.37
CA ARG A 1009 -0.50 -10.17 -35.65
C ARG A 1009 -1.54 -11.02 -34.95
N VAL A 1010 -1.15 -12.03 -34.19
CA VAL A 1010 -2.13 -12.92 -33.57
C VAL A 1010 -2.69 -12.30 -32.30
N THR A 1011 -1.90 -11.48 -31.61
CA THR A 1011 -2.33 -10.93 -30.33
C THR A 1011 -3.57 -10.05 -30.49
N GLY A 1012 -3.52 -9.07 -31.40
CA GLY A 1012 -4.66 -8.20 -31.59
C GLY A 1012 -5.87 -8.95 -32.11
N LEU A 1013 -5.66 -9.88 -33.03
CA LEU A 1013 -6.78 -10.66 -33.56
C LEU A 1013 -7.46 -11.46 -32.47
N MET A 1014 -6.67 -12.10 -31.59
CA MET A 1014 -7.27 -12.88 -30.51
C MET A 1014 -7.96 -11.98 -29.49
N ILE A 1015 -7.38 -10.82 -29.18
CA ILE A 1015 -8.02 -9.90 -28.25
C ILE A 1015 -9.38 -9.48 -28.78
N PHE A 1016 -9.45 -9.09 -30.06
CA PHE A 1016 -10.69 -8.59 -30.60
C PHE A 1016 -11.66 -9.70 -30.99
N ILE A 1017 -11.20 -10.94 -31.08
CA ILE A 1017 -12.12 -12.07 -31.17
C ILE A 1017 -12.75 -12.34 -29.81
N LEU A 1018 -11.93 -12.34 -28.75
CA LEU A 1018 -12.46 -12.58 -27.41
C LEU A 1018 -13.39 -11.47 -26.97
N MET A 1019 -13.16 -10.23 -27.42
CA MET A 1019 -14.07 -9.14 -27.08
C MET A 1019 -15.46 -9.39 -27.63
N GLY A 1020 -15.55 -9.91 -28.85
CA GLY A 1020 -16.85 -10.18 -29.45
C GLY A 1020 -17.59 -11.36 -28.86
N LEU A 1021 -16.89 -12.25 -28.16
CA LEU A 1021 -17.50 -13.42 -27.56
C LEU A 1021 -17.86 -13.23 -26.09
N SER A 1022 -17.74 -12.02 -25.56
CA SER A 1022 -18.04 -11.79 -24.16
C SER A 1022 -19.53 -11.91 -23.86
N VAL A 1023 -20.38 -11.88 -24.89
CA VAL A 1023 -21.81 -12.01 -24.66
C VAL A 1023 -22.18 -13.42 -24.19
N PHE A 1024 -21.30 -14.40 -24.40
CA PHE A 1024 -21.58 -15.77 -24.00
C PHE A 1024 -20.98 -16.12 -22.64
N MET A 1025 -19.96 -15.39 -22.19
CA MET A 1025 -19.29 -15.64 -20.93
C MET A 1025 -19.68 -14.64 -19.85
N THR A 1026 -20.94 -14.19 -19.84
CA THR A 1026 -21.39 -13.22 -18.85
C THR A 1026 -21.33 -13.79 -17.43
N SER A 1027 -21.67 -15.06 -17.26
CA SER A 1027 -21.71 -15.67 -15.93
C SER A 1027 -20.35 -15.68 -15.25
N VAL A 1028 -19.26 -15.61 -16.02
CA VAL A 1028 -17.93 -15.61 -15.44
C VAL A 1028 -17.40 -14.19 -15.24
N LEU A 1029 -17.64 -13.30 -16.21
CA LEU A 1029 -17.16 -11.92 -16.12
C LEU A 1029 -17.87 -11.12 -15.04
N LYS A 1030 -18.98 -11.61 -14.49
CA LYS A 1030 -19.72 -10.89 -13.46
C LYS A 1030 -19.00 -10.91 -12.11
N PHE A 1031 -17.98 -11.75 -11.95
CA PHE A 1031 -17.25 -11.83 -10.68
C PHE A 1031 -16.06 -10.89 -10.60
N ILE A 1032 -15.82 -10.08 -11.63
CA ILE A 1032 -14.67 -9.18 -11.65
C ILE A 1032 -15.08 -7.84 -11.06
N PRO A 1033 -14.56 -7.45 -9.90
CA PRO A 1033 -14.89 -6.13 -9.35
C PRO A 1033 -14.24 -5.02 -10.17
N MET A 1034 -14.85 -3.85 -10.11
CA MET A 1034 -14.38 -2.69 -10.87
C MET A 1034 -13.13 -2.04 -10.30
N PRO A 1035 -12.96 -1.94 -8.98
CA PRO A 1035 -11.71 -1.37 -8.44
C PRO A 1035 -10.46 -2.11 -8.89
N VAL A 1036 -10.53 -3.43 -9.11
CA VAL A 1036 -9.37 -4.14 -9.65
C VAL A 1036 -9.02 -3.62 -11.04
N LEU A 1037 -10.03 -3.41 -11.88
CA LEU A 1037 -9.78 -2.86 -13.20
C LEU A 1037 -9.26 -1.43 -13.13
N TYR A 1038 -9.74 -0.62 -12.19
CA TYR A 1038 -9.18 0.71 -12.02
C TYR A 1038 -7.73 0.67 -11.58
N GLY A 1039 -7.37 -0.26 -10.69
CA GLY A 1039 -5.98 -0.43 -10.33
C GLY A 1039 -5.11 -0.85 -11.49
N VAL A 1040 -5.63 -1.74 -12.34
CA VAL A 1040 -4.91 -2.11 -13.56
C VAL A 1040 -4.72 -0.89 -14.47
N PHE A 1041 -5.75 -0.05 -14.61
CA PHE A 1041 -5.62 1.16 -15.41
C PHE A 1041 -4.54 2.08 -14.85
N LEU A 1042 -4.51 2.26 -13.53
CA LEU A 1042 -3.48 3.08 -12.91
C LEU A 1042 -2.09 2.50 -13.13
N TYR A 1043 -1.96 1.18 -13.02
CA TYR A 1043 -0.66 0.55 -13.27
C TYR A 1043 -0.21 0.78 -14.71
N MET A 1044 -1.12 0.62 -15.67
CA MET A 1044 -0.77 0.86 -17.06
C MET A 1044 -0.35 2.31 -17.28
N GLY A 1045 -1.10 3.25 -16.70
CA GLY A 1045 -0.76 4.66 -16.85
C GLY A 1045 0.58 5.01 -16.25
N VAL A 1046 0.92 4.44 -15.09
CA VAL A 1046 2.22 4.69 -14.48
C VAL A 1046 3.34 4.06 -15.30
N SER A 1047 3.15 2.81 -15.74
CA SER A 1047 4.21 2.11 -16.45
C SER A 1047 4.44 2.66 -17.84
N SER A 1048 3.45 3.29 -18.46
CA SER A 1048 3.65 3.85 -19.79
C SER A 1048 4.56 5.06 -19.78
N LEU A 1049 4.77 5.70 -18.62
CA LEU A 1049 5.63 6.87 -18.54
C LEU A 1049 7.08 6.51 -18.84
N LYS A 1050 7.53 5.35 -18.36
CA LYS A 1050 8.92 4.94 -18.50
C LYS A 1050 9.36 4.88 -19.95
N GLY A 1051 10.32 5.72 -20.33
CA GLY A 1051 10.85 5.71 -21.67
C GLY A 1051 10.93 7.08 -22.32
N ILE A 1052 10.02 7.98 -21.94
CA ILE A 1052 9.94 9.30 -22.54
C ILE A 1052 11.19 10.10 -22.17
N GLN A 1053 11.74 10.83 -23.14
CA GLN A 1053 12.95 11.61 -22.90
C GLN A 1053 12.65 12.88 -22.12
N LEU A 1054 11.47 13.46 -22.33
CA LEU A 1054 11.02 14.66 -21.63
C LEU A 1054 11.30 14.62 -20.14
N PHE A 1055 10.78 13.59 -19.47
CA PHE A 1055 10.96 13.47 -18.03
C PHE A 1055 12.44 13.48 -17.67
N ASP A 1056 13.27 12.81 -18.47
CA ASP A 1056 14.69 12.72 -18.18
C ASP A 1056 15.31 14.12 -18.03
N ARG A 1057 14.74 15.11 -18.71
CA ARG A 1057 15.10 16.48 -18.42
C ARG A 1057 14.23 17.06 -17.30
N ILE A 1058 12.91 16.98 -17.49
CA ILE A 1058 11.96 17.59 -16.56
C ILE A 1058 12.21 17.15 -15.13
N LYS A 1059 12.55 15.87 -14.94
CA LYS A 1059 12.78 15.35 -13.60
C LYS A 1059 13.98 16.01 -12.94
N LEU A 1060 15.08 16.20 -13.67
CA LEU A 1060 16.37 16.45 -13.03
C LEU A 1060 17.12 17.62 -13.66
N PHE A 1061 16.44 18.49 -14.40
CA PHE A 1061 17.16 19.63 -14.95
C PHE A 1061 16.68 20.99 -14.44
N GLY A 1062 15.39 21.30 -14.64
CA GLY A 1062 14.92 22.67 -14.49
C GLY A 1062 15.27 23.35 -13.19
N MET A 1063 14.63 22.93 -12.09
CA MET A 1063 14.93 23.45 -10.76
C MET A 1063 16.13 22.78 -10.09
N PRO A 1064 16.12 21.42 -9.93
CA PRO A 1064 16.84 20.75 -8.82
C PRO A 1064 18.22 21.22 -8.38
N ALA A 1065 19.16 20.27 -8.36
CA ALA A 1065 20.47 20.47 -7.76
C ALA A 1065 21.48 20.93 -8.82
N LYS A 1066 22.76 20.91 -8.45
CA LYS A 1066 23.83 21.45 -9.28
C LYS A 1066 24.45 20.41 -10.19
N HIS A 1067 24.87 19.26 -9.63
CA HIS A 1067 25.58 18.27 -10.42
C HIS A 1067 24.60 17.53 -11.34
N GLN A 1068 25.16 16.96 -12.42
CA GLN A 1068 24.33 16.34 -13.45
C GLN A 1068 24.79 14.93 -13.79
N PRO A 1069 23.89 14.09 -14.31
CA PRO A 1069 24.32 12.80 -14.88
C PRO A 1069 24.99 12.98 -16.24
N ASP A 1070 25.27 11.87 -16.93
CA ASP A 1070 26.04 11.92 -18.17
C ASP A 1070 25.26 12.60 -19.28
N LEU A 1071 24.14 12.00 -19.70
CA LEU A 1071 23.16 12.68 -20.56
C LEU A 1071 23.79 13.33 -21.80
N ILE A 1072 24.24 12.51 -22.75
CA ILE A 1072 25.15 12.86 -23.84
C ILE A 1072 24.90 14.25 -24.42
N TYR A 1073 23.63 14.67 -24.49
CA TYR A 1073 23.31 15.98 -25.06
C TYR A 1073 24.02 17.10 -24.30
N LEU A 1074 24.25 16.91 -22.99
CA LEU A 1074 25.08 17.86 -22.25
C LEU A 1074 26.55 17.76 -22.64
N ARG A 1075 27.04 16.55 -22.79
CA ARG A 1075 28.39 16.41 -23.23
C ARG A 1075 28.70 17.37 -24.40
N TYR A 1076 27.68 18.03 -24.95
CA TYR A 1076 27.91 18.95 -26.05
C TYR A 1076 27.16 20.30 -26.04
N VAL A 1077 26.65 20.78 -24.91
CA VAL A 1077 25.90 22.05 -24.94
C VAL A 1077 25.76 22.77 -23.59
N PRO A 1078 25.44 24.09 -23.59
CA PRO A 1078 25.26 24.86 -22.33
C PRO A 1078 24.11 24.42 -21.45
N LEU A 1079 24.19 24.66 -20.14
CA LEU A 1079 23.13 24.15 -19.27
C LEU A 1079 21.90 25.06 -19.31
N TRP A 1080 22.12 26.37 -19.34
CA TRP A 1080 21.01 27.32 -19.36
C TRP A 1080 20.19 27.17 -20.64
N LYS A 1081 20.84 26.80 -21.74
CA LYS A 1081 20.11 26.51 -22.96
C LYS A 1081 19.16 25.33 -22.76
N VAL A 1082 19.63 24.31 -22.05
CA VAL A 1082 18.80 23.15 -21.73
C VAL A 1082 17.63 23.59 -20.86
N HIS A 1083 17.89 24.47 -19.91
CA HIS A 1083 16.81 24.99 -19.06
C HIS A 1083 15.74 25.68 -19.90
N ILE A 1084 16.17 26.56 -20.82
CA ILE A 1084 15.22 27.28 -21.66
C ILE A 1084 14.44 26.30 -22.53
N PHE A 1085 15.13 25.29 -23.07
CA PHE A 1085 14.51 24.27 -23.90
C PHE A 1085 13.41 23.55 -23.13
N THR A 1086 13.71 23.14 -21.89
CA THR A 1086 12.71 22.47 -21.06
C THR A 1086 11.54 23.39 -20.75
N VAL A 1087 11.82 24.67 -20.47
CA VAL A 1087 10.75 25.62 -20.16
C VAL A 1087 9.83 25.78 -21.36
N ILE A 1088 10.38 25.80 -22.57
CA ILE A 1088 9.58 25.93 -23.79
C ILE A 1088 8.60 24.77 -23.88
N GLN A 1089 9.08 23.55 -23.62
CA GLN A 1089 8.20 22.39 -23.71
C GLN A 1089 7.15 22.41 -22.61
N LEU A 1090 7.54 22.85 -21.41
CA LEU A 1090 6.60 22.90 -20.29
C LEU A 1090 5.48 23.89 -20.54
N THR A 1091 5.80 25.06 -21.10
CA THR A 1091 4.77 26.04 -21.40
C THR A 1091 3.76 25.49 -22.41
N CYS A 1092 4.27 24.81 -23.45
CA CYS A 1092 3.39 24.18 -24.43
C CYS A 1092 2.52 23.11 -23.79
N LEU A 1093 3.08 22.30 -22.91
CA LEU A 1093 2.30 21.25 -22.25
C LEU A 1093 1.20 21.87 -21.39
N VAL A 1094 1.52 22.95 -20.68
CA VAL A 1094 0.52 23.63 -19.85
C VAL A 1094 -0.59 24.21 -20.73
N LEU A 1095 -0.21 24.79 -21.87
CA LEU A 1095 -1.21 25.32 -22.78
C LEU A 1095 -2.13 24.21 -23.30
N LEU A 1096 -1.55 23.06 -23.65
CA LEU A 1096 -2.34 21.92 -24.09
C LEU A 1096 -3.31 21.46 -23.00
N TRP A 1097 -2.83 21.42 -21.75
CA TRP A 1097 -3.71 21.04 -20.65
C TRP A 1097 -4.85 22.04 -20.48
N VAL A 1098 -4.53 23.34 -20.54
CA VAL A 1098 -5.55 24.37 -20.34
C VAL A 1098 -6.61 24.33 -21.44
N ILE A 1099 -6.21 24.22 -22.70
CA ILE A 1099 -7.17 24.17 -23.79
C ILE A 1099 -7.68 22.75 -24.06
N LYS A 1100 -7.27 21.78 -23.25
CA LYS A 1100 -7.74 20.40 -23.43
C LYS A 1100 -9.24 20.31 -23.15
N VAL A 1101 -9.68 20.83 -22.01
CA VAL A 1101 -11.10 20.76 -21.66
C VAL A 1101 -11.83 21.98 -22.21
N SER A 1102 -11.49 23.17 -21.73
CA SER A 1102 -11.93 24.47 -22.26
C SER A 1102 -13.36 24.42 -22.79
N ALA A 1103 -13.54 24.96 -24.01
CA ALA A 1103 -14.73 24.71 -24.81
C ALA A 1103 -14.35 24.10 -26.16
N ALA A 1104 -13.07 23.84 -26.38
CA ALA A 1104 -12.55 23.31 -27.63
C ALA A 1104 -12.08 21.87 -27.54
N ALA A 1105 -12.62 21.09 -26.60
CA ALA A 1105 -12.26 19.67 -26.53
C ALA A 1105 -12.68 18.94 -27.80
N VAL A 1106 -13.62 19.52 -28.56
CA VAL A 1106 -14.07 18.96 -29.83
C VAL A 1106 -12.92 18.91 -30.81
N VAL A 1107 -12.10 19.96 -30.82
CA VAL A 1107 -11.08 20.16 -31.85
C VAL A 1107 -9.71 20.11 -31.16
N PHE A 1108 -9.61 19.27 -30.13
CA PHE A 1108 -8.39 19.16 -29.34
C PHE A 1108 -7.17 18.68 -30.14
N PRO A 1109 -7.22 17.52 -30.83
CA PRO A 1109 -5.99 17.01 -31.46
C PRO A 1109 -5.49 17.88 -32.60
N MET A 1110 -6.36 18.75 -33.13
CA MET A 1110 -5.93 19.74 -34.12
C MET A 1110 -4.74 20.56 -33.64
N MET A 1111 -4.49 20.59 -32.33
CA MET A 1111 -3.38 21.34 -31.78
C MET A 1111 -2.03 20.79 -32.22
N VAL A 1112 -1.98 19.59 -32.79
CA VAL A 1112 -0.73 19.07 -33.34
C VAL A 1112 -0.28 19.96 -34.49
N LEU A 1113 -1.20 20.74 -35.05
CA LEU A 1113 -0.87 21.74 -36.06
C LEU A 1113 -0.29 23.01 -35.45
N ALA A 1114 -0.25 23.10 -34.11
CA ALA A 1114 0.25 24.28 -33.43
C ALA A 1114 1.64 24.05 -32.87
N LEU A 1115 1.94 22.85 -32.35
CA LEU A 1115 3.27 22.58 -31.83
C LEU A 1115 4.33 22.63 -32.92
N VAL A 1116 3.95 22.23 -34.15
CA VAL A 1116 4.89 22.30 -35.26
C VAL A 1116 5.24 23.75 -35.57
N PHE A 1117 4.27 24.64 -35.48
CA PHE A 1117 4.53 26.06 -35.73
C PHE A 1117 5.50 26.62 -34.69
N VAL A 1118 5.31 26.25 -33.42
CA VAL A 1118 6.24 26.64 -32.37
C VAL A 1118 7.62 26.07 -32.59
N ARG A 1119 7.71 24.81 -33.04
CA ARG A 1119 9.00 24.21 -33.35
C ARG A 1119 9.70 24.95 -34.48
N LYS A 1120 8.96 25.37 -35.50
CA LYS A 1120 9.54 26.18 -36.56
C LYS A 1120 10.03 27.51 -36.02
N LEU A 1121 9.22 28.17 -35.19
CA LEU A 1121 9.63 29.42 -34.58
C LEU A 1121 10.45 29.16 -33.31
N MET A 1122 11.48 28.33 -33.44
CA MET A 1122 12.43 28.10 -32.37
C MET A 1122 13.88 28.20 -32.85
N ASP A 1123 14.12 28.22 -34.16
CA ASP A 1123 15.47 28.37 -34.68
C ASP A 1123 15.97 29.80 -34.46
N LEU A 1124 15.06 30.71 -34.12
CA LEU A 1124 15.44 32.12 -33.98
C LEU A 1124 16.48 32.32 -32.89
N CYS A 1125 16.11 32.15 -31.62
CA CYS A 1125 17.09 32.32 -30.53
C CYS A 1125 17.71 31.00 -30.10
N PHE A 1126 18.04 30.14 -31.07
CA PHE A 1126 18.65 28.82 -30.91
C PHE A 1126 19.49 28.57 -32.15
N THR A 1127 20.79 28.39 -31.99
CA THR A 1127 21.61 27.96 -33.11
C THR A 1127 21.17 26.58 -33.55
N LYS A 1128 21.25 26.30 -34.86
CA LYS A 1128 20.73 25.06 -35.40
C LYS A 1128 21.44 23.85 -34.81
N ARG A 1129 22.70 24.02 -34.41
CA ARG A 1129 23.45 22.97 -33.74
C ARG A 1129 22.83 22.59 -32.40
N GLU A 1130 22.59 23.57 -31.54
CA GLU A 1130 21.91 23.32 -30.28
C GLU A 1130 20.50 22.78 -30.53
N LEU A 1131 19.83 23.34 -31.53
CA LEU A 1131 18.47 22.94 -31.89
C LEU A 1131 18.39 21.45 -32.20
N SER A 1132 19.07 21.00 -33.26
CA SER A 1132 19.12 19.57 -33.54
C SER A 1132 20.33 18.89 -32.91
N TRP A 1133 20.61 19.22 -31.66
CA TRP A 1133 21.33 18.35 -30.74
C TRP A 1133 20.54 18.08 -29.47
N LEU A 1134 19.87 19.09 -28.92
CA LEU A 1134 19.04 18.91 -27.73
C LEU A 1134 17.66 18.40 -28.10
N ASP A 1135 17.10 18.66 -29.29
CA ASP A 1135 15.83 18.00 -29.72
C ASP A 1135 16.21 16.78 -30.50
N ASP A 1136 15.79 16.72 -31.76
CA ASP A 1136 16.30 15.66 -32.62
C ASP A 1136 16.05 14.18 -32.30
N LEU A 1137 16.30 13.30 -33.28
CA LEU A 1137 16.11 11.85 -33.12
C LEU A 1137 14.69 11.48 -33.43
N ARG B 580 41.06 -8.82 42.48
CA ARG B 580 40.45 -8.02 43.54
C ARG B 580 38.93 -7.98 43.40
N LEU B 581 38.27 -7.38 44.39
CA LEU B 581 36.82 -7.21 44.34
C LEU B 581 36.49 -5.86 43.72
N PHE B 582 35.42 -5.82 42.94
CA PHE B 582 34.92 -4.59 42.31
C PHE B 582 35.95 -3.99 41.36
N GLY B 583 36.93 -4.78 40.93
CA GLY B 583 37.97 -4.26 40.05
C GLY B 583 37.45 -3.86 38.69
N GLY B 584 36.61 -4.69 38.08
CA GLY B 584 36.04 -4.34 36.79
C GLY B 584 35.17 -3.11 36.83
N LEU B 585 34.40 -2.94 37.90
CA LEU B 585 33.60 -1.74 38.06
C LEU B 585 34.47 -0.49 38.14
N ILE B 586 35.58 -0.55 38.89
CA ILE B 586 36.49 0.58 38.97
C ILE B 586 37.11 0.88 37.61
N LEU B 587 37.51 -0.16 36.88
CA LEU B 587 38.08 0.07 35.55
C LEU B 587 37.06 0.70 34.61
N ASP B 588 35.82 0.23 34.63
CA ASP B 588 34.79 0.81 33.77
C ASP B 588 34.48 2.25 34.14
N ILE B 589 34.42 2.56 35.44
CA ILE B 589 34.18 3.94 35.87
C ILE B 589 35.33 4.83 35.42
N LYS B 590 36.57 4.34 35.55
CA LYS B 590 37.71 5.13 35.10
C LYS B 590 37.68 5.37 33.60
N ARG B 591 37.26 4.37 32.82
CA ARG B 591 37.16 4.55 31.38
C ARG B 591 36.06 5.54 31.01
N LYS B 592 34.92 5.48 31.71
CA LYS B 592 33.76 6.27 31.29
C LYS B 592 33.77 7.69 31.85
N ALA B 593 34.54 7.95 32.92
CA ALA B 593 34.53 9.27 33.54
C ALA B 593 34.95 10.41 32.61
N PRO B 594 36.00 10.28 31.78
CA PRO B 594 36.42 11.42 30.96
C PRO B 594 35.35 11.96 30.02
N PHE B 595 34.47 11.12 29.48
CA PHE B 595 33.53 11.54 28.45
C PHE B 595 32.17 11.95 29.02
N PHE B 596 32.06 12.14 30.33
CA PHE B 596 30.76 12.45 30.93
C PHE B 596 30.21 13.78 30.42
N LEU B 597 31.05 14.81 30.35
CA LEU B 597 30.57 16.12 29.90
C LEU B 597 30.33 16.12 28.39
N SER B 598 31.18 15.41 27.63
CA SER B 598 30.96 15.32 26.19
C SER B 598 29.67 14.60 25.87
N ASP B 599 29.29 13.61 26.67
CA ASP B 599 28.04 12.90 26.46
C ASP B 599 26.83 13.83 26.49
N PHE B 600 26.85 14.86 27.33
CA PHE B 600 25.78 15.84 27.36
C PHE B 600 25.95 16.94 26.32
N LYS B 601 27.20 17.34 26.05
CA LYS B 601 27.43 18.43 25.10
C LYS B 601 27.19 18.01 23.66
N ASP B 602 27.26 16.71 23.36
CA ASP B 602 27.13 16.27 21.98
C ASP B 602 25.68 16.21 21.53
N ALA B 603 24.73 16.55 22.42
CA ALA B 603 23.31 16.44 22.12
C ALA B 603 22.68 17.77 21.74
N LEU B 604 23.40 18.62 21.01
CA LEU B 604 22.89 19.94 20.62
C LEU B 604 22.54 20.03 19.14
N SER B 605 21.98 18.97 18.57
CA SER B 605 21.56 18.95 17.18
C SER B 605 20.08 18.63 17.08
N LEU B 606 19.56 18.68 15.86
CA LEU B 606 18.15 18.38 15.60
C LEU B 606 17.85 16.89 15.61
N GLN B 607 18.82 16.06 15.20
CA GLN B 607 18.58 14.63 15.14
C GLN B 607 18.30 14.04 16.52
N CYS B 608 18.82 14.68 17.58
CA CYS B 608 18.49 14.24 18.93
C CYS B 608 17.00 14.41 19.22
N LEU B 609 16.43 15.57 18.92
CA LEU B 609 15.00 15.77 19.08
C LEU B 609 14.21 14.85 18.18
N ALA B 610 14.71 14.60 16.97
CA ALA B 610 14.03 13.67 16.08
C ALA B 610 13.97 12.28 16.68
N SER B 611 15.08 11.80 17.26
CA SER B 611 15.09 10.49 17.90
C SER B 611 14.17 10.45 19.10
N ILE B 612 14.15 11.53 19.90
CA ILE B 612 13.26 11.58 21.07
C ILE B 612 11.81 11.44 20.64
N LEU B 613 11.40 12.22 19.63
CA LEU B 613 10.01 12.17 19.18
C LEU B 613 9.69 10.86 18.49
N PHE B 614 10.66 10.26 17.80
CA PHE B 614 10.49 8.93 17.23
C PHE B 614 10.20 7.89 18.31
N LEU B 615 11.01 7.89 19.38
CA LEU B 615 11.01 6.76 20.29
C LEU B 615 10.03 6.92 21.45
N TYR B 616 9.58 8.14 21.75
CA TYR B 616 8.63 8.32 22.84
C TYR B 616 7.36 7.52 22.62
N CYS B 617 6.72 7.70 21.45
CA CYS B 617 5.49 6.98 21.14
C CYS B 617 5.72 5.48 20.95
N ALA B 618 6.83 5.10 20.34
CA ALA B 618 7.11 3.68 20.11
C ALA B 618 7.48 2.96 21.39
N CYS B 619 7.89 3.68 22.43
CA CYS B 619 8.24 3.03 23.69
C CYS B 619 7.09 3.08 24.69
N MET B 620 6.19 4.05 24.57
CA MET B 620 5.07 4.11 25.52
C MET B 620 4.11 2.93 25.39
N SER B 621 3.70 2.57 24.18
CA SER B 621 2.60 1.64 23.99
C SER B 621 2.86 0.26 24.63
N PRO B 622 4.04 -0.35 24.43
CA PRO B 622 4.29 -1.61 25.14
C PRO B 622 4.18 -1.50 26.64
N VAL B 623 4.61 -0.37 27.22
CA VAL B 623 4.52 -0.18 28.66
C VAL B 623 3.07 -0.22 29.13
N ILE B 624 2.19 0.51 28.45
CA ILE B 624 0.79 0.54 28.85
C ILE B 624 0.14 -0.81 28.64
N THR B 625 0.43 -1.48 27.52
CA THR B 625 -0.16 -2.78 27.28
C THR B 625 0.27 -3.80 28.33
N PHE B 626 1.57 -3.82 28.67
CA PHE B 626 2.06 -4.72 29.69
C PHE B 626 1.45 -4.40 31.06
N GLY B 627 1.32 -3.12 31.37
CA GLY B 627 0.70 -2.75 32.64
C GLY B 627 -0.74 -3.21 32.74
N GLY B 628 -1.50 -3.03 31.65
CA GLY B 628 -2.89 -3.48 31.65
C GLY B 628 -2.98 -4.99 31.77
N LEU B 629 -2.14 -5.73 31.06
CA LEU B 629 -2.17 -7.18 31.15
C LEU B 629 -1.81 -7.65 32.55
N LEU B 630 -0.80 -7.04 33.17
CA LEU B 630 -0.41 -7.43 34.52
C LEU B 630 -1.49 -7.07 35.53
N GLY B 631 -2.15 -5.93 35.35
CA GLY B 631 -3.26 -5.58 36.22
C GLY B 631 -4.42 -6.55 36.10
N GLU B 632 -4.72 -7.01 34.88
CA GLU B 632 -5.73 -8.04 34.70
C GLU B 632 -5.31 -9.36 35.35
N ALA B 633 -4.04 -9.73 35.24
CA ALA B 633 -3.59 -11.00 35.79
C ALA B 633 -3.46 -10.95 37.32
N THR B 634 -3.20 -9.78 37.89
CA THR B 634 -3.00 -9.63 39.32
C THR B 634 -4.21 -9.04 40.03
N GLU B 635 -5.38 -9.08 39.39
CA GLU B 635 -6.64 -8.65 39.99
C GLU B 635 -6.62 -7.18 40.39
N GLY B 636 -5.78 -6.38 39.76
CA GLY B 636 -5.78 -4.95 40.00
C GLY B 636 -4.73 -4.46 40.96
N ARG B 637 -3.65 -5.24 41.13
CA ARG B 637 -2.56 -4.86 42.03
C ARG B 637 -1.47 -4.06 41.32
N ILE B 638 -1.03 -4.51 40.14
CA ILE B 638 -0.02 -3.78 39.37
C ILE B 638 -0.63 -3.34 38.04
N SER B 639 -1.20 -2.15 38.00
CA SER B 639 -1.85 -1.66 36.79
C SER B 639 -0.90 -0.81 35.95
N ALA B 640 -1.44 -0.10 34.97
CA ALA B 640 -0.63 0.68 34.03
C ALA B 640 0.13 1.82 34.66
N ILE B 641 -0.44 2.49 35.67
CA ILE B 641 0.22 3.65 36.26
C ILE B 641 1.51 3.23 36.96
N GLU B 642 1.50 2.10 37.67
CA GLU B 642 2.73 1.61 38.28
C GLU B 642 3.77 1.28 37.23
N SER B 643 3.35 0.70 36.10
CA SER B 643 4.29 0.42 35.02
C SER B 643 4.90 1.70 34.48
N LEU B 644 4.08 2.74 34.28
CA LEU B 644 4.61 4.01 33.78
C LEU B 644 5.62 4.60 34.76
N PHE B 645 5.28 4.64 36.05
CA PHE B 645 6.18 5.21 37.03
C PHE B 645 7.48 4.43 37.14
N GLY B 646 7.40 3.09 37.15
CA GLY B 646 8.61 2.28 37.18
C GLY B 646 9.48 2.45 35.96
N ALA B 647 8.88 2.50 34.77
CA ALA B 647 9.65 2.72 33.56
C ALA B 647 10.34 4.08 33.59
N SER B 648 9.63 5.13 34.03
CA SER B 648 10.25 6.45 34.11
C SER B 648 11.43 6.45 35.08
N LEU B 649 11.24 5.90 36.28
CA LEU B 649 12.34 5.90 37.26
C LEU B 649 13.53 5.11 36.75
N THR B 650 13.29 3.90 36.26
CA THR B 650 14.39 3.05 35.80
C THR B 650 15.12 3.69 34.62
N GLY B 651 14.39 4.24 33.66
CA GLY B 651 15.03 4.88 32.52
C GLY B 651 15.84 6.10 32.92
N ILE B 652 15.32 6.93 33.81
CA ILE B 652 16.08 8.10 34.24
C ILE B 652 17.37 7.69 34.94
N ALA B 653 17.27 6.78 35.92
CA ALA B 653 18.46 6.42 36.68
C ALA B 653 19.41 5.56 35.87
N TYR B 654 18.96 4.97 34.76
CA TYR B 654 19.87 4.26 33.88
C TYR B 654 20.56 5.20 32.91
N SER B 655 19.84 6.15 32.32
CA SER B 655 20.46 7.11 31.42
C SER B 655 21.45 8.01 32.14
N LEU B 656 21.15 8.42 33.37
CA LEU B 656 22.07 9.31 34.08
C LEU B 656 23.38 8.62 34.43
N PHE B 657 23.32 7.41 34.98
CA PHE B 657 24.50 6.69 35.47
C PHE B 657 24.46 5.24 34.96
N ALA B 658 25.21 4.97 33.90
CA ALA B 658 25.36 3.61 33.40
C ALA B 658 26.56 3.57 32.45
N GLY B 659 26.68 2.44 31.75
CA GLY B 659 27.69 2.29 30.73
C GLY B 659 27.16 2.82 29.42
N GLN B 660 27.09 1.97 28.41
CA GLN B 660 26.51 2.33 27.11
C GLN B 660 25.12 2.93 27.31
N PRO B 661 24.94 4.22 27.06
CA PRO B 661 23.63 4.86 27.30
C PRO B 661 22.62 4.69 26.19
N LEU B 662 22.95 3.96 25.12
CA LEU B 662 22.06 3.77 23.99
C LEU B 662 21.14 2.56 24.17
N THR B 663 21.21 1.91 25.33
CA THR B 663 20.34 0.78 25.65
C THR B 663 19.08 1.31 26.32
N ILE B 664 17.92 0.92 25.79
CA ILE B 664 16.64 1.39 26.29
C ILE B 664 16.03 0.26 27.10
N LEU B 665 15.81 0.50 28.38
CA LEU B 665 15.23 -0.51 29.28
C LEU B 665 13.74 -0.61 28.92
N GLY B 666 13.18 -1.80 28.86
CA GLY B 666 11.80 -1.95 28.42
C GLY B 666 11.15 -3.18 28.98
N SER B 667 9.85 -3.17 29.22
CA SER B 667 9.11 -4.23 29.90
C SER B 667 9.01 -5.43 29.16
N THR B 668 9.66 -6.47 29.65
CA THR B 668 9.73 -7.69 28.87
C THR B 668 8.48 -8.55 28.99
N GLY B 669 8.20 -9.36 27.99
CA GLY B 669 7.06 -10.23 28.01
C GLY B 669 7.24 -11.41 28.93
N PRO B 670 8.34 -12.13 28.82
CA PRO B 670 8.55 -13.18 29.79
C PRO B 670 7.95 -12.92 31.18
N VAL B 671 8.17 -11.79 31.84
CA VAL B 671 7.68 -11.57 33.21
C VAL B 671 6.19 -11.70 33.37
N LEU B 672 5.37 -11.30 32.42
CA LEU B 672 3.92 -11.34 32.65
C LEU B 672 3.49 -12.76 32.82
N VAL B 673 4.42 -13.66 33.06
CA VAL B 673 4.09 -15.04 33.31
C VAL B 673 4.42 -15.37 34.74
N PHE B 674 5.60 -14.99 35.18
CA PHE B 674 5.94 -15.17 36.56
C PHE B 674 4.83 -14.53 37.36
N GLU B 675 4.52 -13.25 37.14
CA GLU B 675 3.55 -12.56 37.98
C GLU B 675 2.14 -13.01 37.77
N LYS B 676 1.94 -14.19 37.22
CA LYS B 676 0.60 -14.75 37.10
C LYS B 676 0.63 -15.98 37.96
N ILE B 677 1.48 -16.94 37.64
CA ILE B 677 1.63 -18.10 38.50
C ILE B 677 1.80 -17.63 39.92
N LEU B 678 2.63 -16.64 40.17
CA LEU B 678 2.82 -16.25 41.55
C LEU B 678 1.53 -15.71 42.06
N TYR B 679 0.43 -15.84 41.35
CA TYR B 679 -0.80 -15.31 41.92
C TYR B 679 -1.67 -16.43 42.31
N LYS B 680 -1.84 -17.39 41.44
CA LYS B 680 -2.62 -18.49 41.88
C LYS B 680 -2.02 -18.92 43.19
N PHE B 681 -0.71 -19.00 43.26
CA PHE B 681 -0.07 -19.50 44.46
C PHE B 681 -0.51 -18.74 45.65
N CYS B 682 -0.20 -17.47 45.73
CA CYS B 682 -0.51 -16.74 46.94
C CYS B 682 -1.96 -16.86 47.26
N ARG B 683 -2.75 -17.51 46.42
CA ARG B 683 -4.16 -17.73 46.76
C ARG B 683 -4.41 -19.16 47.20
N ASP B 684 -4.04 -20.12 46.36
CA ASP B 684 -4.23 -21.52 46.66
C ASP B 684 -3.78 -21.75 48.06
N TYR B 685 -2.62 -21.26 48.42
CA TYR B 685 -2.23 -21.40 49.78
C TYR B 685 -2.89 -20.27 50.48
N GLN B 686 -2.13 -19.35 50.98
CA GLN B 686 -2.69 -18.23 51.75
C GLN B 686 -1.58 -17.24 52.02
N LEU B 687 -0.90 -16.79 50.96
CA LEU B 687 0.21 -15.87 51.11
C LEU B 687 -0.14 -14.50 50.53
N SER B 688 0.62 -13.49 50.97
CA SER B 688 0.46 -12.14 50.48
C SER B 688 1.37 -11.94 49.27
N TYR B 689 0.80 -11.46 48.17
CA TYR B 689 1.51 -11.40 46.91
C TYR B 689 2.64 -10.37 46.95
N LEU B 690 2.34 -9.15 47.40
CA LEU B 690 3.29 -8.06 47.30
C LEU B 690 4.54 -8.32 48.14
N SER B 691 4.35 -8.85 49.36
CA SER B 691 5.49 -9.09 50.24
C SER B 691 6.42 -10.16 49.68
N LEU B 692 5.87 -11.28 49.21
CA LEU B 692 6.70 -12.32 48.63
C LEU B 692 7.41 -11.83 47.38
N ARG B 693 6.70 -11.08 46.53
CA ARG B 693 7.33 -10.54 45.33
C ARG B 693 8.46 -9.58 45.68
N THR B 694 8.27 -8.74 46.70
CA THR B 694 9.32 -7.82 47.12
C THR B 694 10.52 -8.57 47.66
N SER B 695 10.30 -9.62 48.44
CA SER B 695 11.42 -10.42 48.94
C SER B 695 12.20 -11.05 47.80
N ILE B 696 11.49 -11.63 46.83
CA ILE B 696 12.17 -12.23 45.68
C ILE B 696 12.97 -11.20 44.91
N GLY B 697 12.38 -10.02 44.68
CA GLY B 697 13.10 -8.97 43.97
C GLY B 697 14.33 -8.49 44.72
N LEU B 698 14.22 -8.34 46.04
CA LEU B 698 15.37 -7.90 46.82
C LEU B 698 16.50 -8.92 46.77
N TRP B 699 16.17 -10.20 46.87
CA TRP B 699 17.23 -11.22 46.79
C TRP B 699 17.82 -11.29 45.38
N THR B 700 17.01 -11.08 44.35
CA THR B 700 17.53 -11.02 43.00
C THR B 700 18.50 -9.85 42.83
N SER B 701 18.17 -8.70 43.39
CA SER B 701 19.06 -7.55 43.33
C SER B 701 20.37 -7.84 44.06
N PHE B 702 20.28 -8.50 45.22
CA PHE B 702 21.50 -8.86 45.95
C PHE B 702 22.36 -9.81 45.14
N LEU B 703 21.75 -10.80 44.49
CA LEU B 703 22.53 -11.72 43.67
C LEU B 703 23.17 -11.02 42.48
N CYS B 704 22.46 -10.06 41.87
CA CYS B 704 23.05 -9.28 40.79
C CYS B 704 24.25 -8.48 41.27
N ILE B 705 24.15 -7.86 42.45
CA ILE B 705 25.29 -7.13 43.00
C ILE B 705 26.46 -8.07 43.27
N VAL B 706 26.19 -9.27 43.79
CA VAL B 706 27.26 -10.25 44.00
C VAL B 706 27.90 -10.65 42.68
N LEU B 707 27.09 -10.84 41.63
CA LEU B 707 27.65 -11.17 40.32
C LEU B 707 28.53 -10.04 39.79
N VAL B 708 28.14 -8.79 40.03
CA VAL B 708 28.99 -7.67 39.65
C VAL B 708 30.29 -7.71 40.44
N ALA B 709 30.23 -8.08 41.72
CA ALA B 709 31.43 -8.18 42.53
C ALA B 709 32.38 -9.27 42.04
N THR B 710 31.84 -10.41 41.62
CA THR B 710 32.66 -11.53 41.16
C THR B 710 33.29 -11.26 39.80
N ASP B 711 32.79 -10.28 39.06
CA ASP B 711 33.23 -9.97 37.70
C ASP B 711 32.98 -11.14 36.76
N ALA B 712 31.73 -11.59 36.68
CA ALA B 712 31.35 -12.65 35.76
C ALA B 712 31.06 -12.14 34.36
N SER B 713 30.89 -10.83 34.18
CA SER B 713 30.62 -10.27 32.86
C SER B 713 31.77 -10.46 31.89
N SER B 714 32.96 -10.84 32.37
CA SER B 714 34.04 -11.21 31.47
C SER B 714 33.67 -12.38 30.59
N LEU B 715 32.63 -13.16 30.96
CA LEU B 715 32.14 -14.21 30.09
C LEU B 715 31.64 -13.68 28.75
N VAL B 716 31.37 -12.38 28.64
CA VAL B 716 31.14 -11.76 27.34
C VAL B 716 32.23 -12.09 26.33
N CYS B 717 33.44 -12.39 26.77
CA CYS B 717 34.51 -12.74 25.84
C CYS B 717 34.21 -14.01 25.07
N TYR B 718 33.26 -14.83 25.53
CA TYR B 718 32.94 -16.09 24.88
C TYR B 718 31.90 -15.96 23.78
N ILE B 719 31.16 -14.86 23.72
CA ILE B 719 30.11 -14.68 22.71
C ILE B 719 30.75 -14.19 21.43
N THR B 720 30.47 -14.88 20.32
CA THR B 720 31.04 -14.59 19.02
C THR B 720 29.95 -14.06 18.08
N ARG B 721 30.32 -13.86 16.81
CA ARG B 721 29.40 -13.32 15.83
C ARG B 721 28.23 -14.28 15.57
N PHE B 722 28.48 -15.59 15.67
CA PHE B 722 27.46 -16.62 15.51
C PHE B 722 26.21 -16.37 16.34
N THR B 723 26.34 -16.26 17.64
CA THR B 723 25.18 -15.90 18.39
C THR B 723 24.78 -14.44 18.08
N GLU B 724 25.59 -13.43 18.34
CA GLU B 724 25.19 -12.08 17.99
C GLU B 724 24.69 -11.89 16.60
N GLU B 725 24.31 -12.92 15.87
CA GLU B 725 23.67 -12.74 14.56
C GLU B 725 22.62 -13.75 14.36
N ALA B 726 22.20 -14.40 15.41
CA ALA B 726 21.05 -15.24 15.32
C ALA B 726 20.15 -14.52 16.31
N PHE B 727 20.50 -14.51 17.58
CA PHE B 727 19.69 -13.79 18.52
C PHE B 727 19.34 -12.38 18.06
N ALA B 728 19.92 -11.78 17.06
CA ALA B 728 19.35 -10.57 16.49
C ALA B 728 18.30 -10.89 15.42
N ALA B 729 18.60 -11.84 14.53
CA ALA B 729 17.63 -12.22 13.52
C ALA B 729 16.36 -12.81 14.13
N LEU B 730 16.51 -13.70 15.12
CA LEU B 730 15.34 -14.29 15.75
C LEU B 730 14.47 -13.23 16.42
N ILE B 731 15.09 -12.30 17.16
CA ILE B 731 14.32 -11.28 17.86
C ILE B 731 13.61 -10.37 16.87
N CYS B 732 14.29 -9.97 15.80
CA CYS B 732 13.64 -9.10 14.81
C CYS B 732 12.47 -9.80 14.13
N ILE B 733 12.63 -11.08 13.78
CA ILE B 733 11.54 -11.80 13.14
C ILE B 733 10.35 -11.95 14.10
N ILE B 734 10.64 -12.24 15.37
CA ILE B 734 9.56 -12.35 16.35
C ILE B 734 8.84 -11.03 16.51
N PHE B 735 9.59 -9.92 16.52
CA PHE B 735 8.97 -8.60 16.64
C PHE B 735 8.06 -8.32 15.44
N ILE B 736 8.51 -8.64 14.23
CA ILE B 736 7.68 -8.42 13.05
C ILE B 736 6.41 -9.26 13.12
N TYR B 737 6.53 -10.52 13.52
CA TYR B 737 5.35 -11.38 13.62
C TYR B 737 4.38 -10.86 14.67
N GLU B 738 4.89 -10.38 15.80
CA GLU B 738 4.00 -9.81 16.82
C GLU B 738 3.30 -8.56 16.32
N ALA B 739 4.02 -7.71 15.56
CA ALA B 739 3.40 -6.52 15.01
C ALA B 739 2.27 -6.88 14.04
N LEU B 740 2.46 -7.93 13.25
CA LEU B 740 1.39 -8.36 12.35
C LEU B 740 0.23 -8.99 13.11
N GLU B 741 0.54 -9.78 14.15
CA GLU B 741 -0.51 -10.43 14.93
C GLU B 741 -1.37 -9.41 15.66
N LYS B 742 -0.77 -8.32 16.11
CA LYS B 742 -1.55 -7.28 16.77
C LYS B 742 -2.59 -6.66 15.85
N LEU B 743 -2.29 -6.56 14.55
CA LEU B 743 -3.30 -6.12 13.59
C LEU B 743 -4.33 -7.22 13.31
N PHE B 744 -3.86 -8.46 13.14
CA PHE B 744 -4.80 -9.56 12.87
C PHE B 744 -5.81 -9.73 14.01
N ASP B 745 -5.42 -9.37 15.24
CA ASP B 745 -6.32 -9.51 16.38
C ASP B 745 -7.53 -8.60 16.27
N LEU B 746 -7.40 -7.44 15.60
CA LEU B 746 -8.49 -6.47 15.55
C LEU B 746 -9.75 -7.01 14.88
N GLY B 747 -9.63 -8.04 14.04
CA GLY B 747 -10.79 -8.57 13.36
C GLY B 747 -11.80 -9.23 14.28
N GLU B 748 -11.38 -9.73 15.43
CA GLU B 748 -12.29 -10.41 16.33
C GLU B 748 -13.20 -9.41 17.07
N THR B 749 -12.65 -8.28 17.52
CA THR B 749 -13.45 -7.33 18.27
C THR B 749 -14.41 -6.56 17.36
N TYR B 750 -13.96 -6.17 16.18
CA TYR B 750 -14.75 -5.41 15.23
C TYR B 750 -15.06 -6.32 14.04
N ALA B 751 -16.14 -7.09 14.15
CA ALA B 751 -16.54 -8.04 13.13
C ALA B 751 -17.53 -7.38 12.17
N PHE B 752 -17.26 -7.48 10.88
CA PHE B 752 -18.13 -6.92 9.86
C PHE B 752 -19.07 -7.99 9.33
N ASN B 753 -19.99 -7.57 8.47
CA ASN B 753 -20.99 -8.47 7.89
C ASN B 753 -20.50 -8.95 6.53
N MET B 754 -20.31 -10.27 6.40
CA MET B 754 -19.76 -10.86 5.20
C MET B 754 -20.79 -11.03 4.09
N HIS B 755 -22.07 -10.93 4.40
CA HIS B 755 -23.10 -11.08 3.38
C HIS B 755 -24.33 -10.24 3.71
N ASN B 756 -24.40 -9.03 3.15
CA ASN B 756 -25.52 -8.14 3.34
C ASN B 756 -26.08 -7.73 1.97
N ASN B 757 -27.38 -7.49 1.93
CA ASN B 757 -28.02 -7.04 0.70
C ASN B 757 -28.18 -5.53 0.74
N LEU B 758 -27.60 -4.83 -0.23
CA LEU B 758 -27.62 -3.38 -0.24
C LEU B 758 -28.98 -2.81 -0.61
N ASP B 759 -29.91 -3.64 -1.10
CA ASP B 759 -31.24 -3.17 -1.41
C ASP B 759 -32.20 -3.28 -0.24
N LYS B 760 -31.85 -4.06 0.79
CA LYS B 760 -32.69 -4.28 1.95
C LYS B 760 -32.17 -3.57 3.19
N LEU B 761 -31.64 -2.36 3.03
CA LEU B 761 -31.14 -1.61 4.19
C LEU B 761 -32.27 -1.02 5.02
N THR B 762 -33.52 -1.10 4.55
CA THR B 762 -34.67 -0.58 5.29
C THR B 762 -35.12 -1.58 6.35
N SER B 763 -34.57 -2.79 6.29
CA SER B 763 -34.89 -3.85 7.23
C SER B 763 -33.63 -4.39 7.88
N TYR B 764 -32.77 -3.49 8.35
CA TYR B 764 -31.46 -3.86 8.87
C TYR B 764 -31.26 -3.18 10.22
N SER B 765 -31.51 -3.91 11.29
CA SER B 765 -31.43 -3.32 12.63
C SER B 765 -31.25 -4.41 13.67
N CYS B 766 -30.70 -4.04 14.81
CA CYS B 766 -30.59 -4.90 15.97
C CYS B 766 -31.50 -4.38 17.08
N VAL B 767 -32.10 -5.31 17.82
CA VAL B 767 -33.01 -4.97 18.89
C VAL B 767 -32.70 -5.82 20.12
N CYS B 768 -32.68 -5.20 21.29
CA CYS B 768 -32.53 -5.92 22.54
C CYS B 768 -33.89 -6.36 23.06
N THR B 769 -34.03 -7.66 23.31
CA THR B 769 -35.25 -8.25 23.84
C THR B 769 -34.92 -9.10 25.07
N GLU B 770 -35.91 -9.29 25.92
CA GLU B 770 -35.71 -10.06 27.13
C GLU B 770 -35.47 -11.53 26.78
N PRO B 771 -34.60 -12.21 27.53
CA PRO B 771 -34.27 -13.59 27.19
C PRO B 771 -35.33 -14.55 27.72
N PRO B 772 -35.90 -15.38 26.85
CA PRO B 772 -36.82 -16.42 27.33
C PRO B 772 -36.10 -17.40 28.25
N ASN B 773 -36.86 -17.92 29.23
CA ASN B 773 -36.45 -18.86 30.28
C ASN B 773 -34.98 -18.68 30.65
N PRO B 774 -34.61 -17.51 31.18
CA PRO B 774 -33.20 -17.24 31.44
C PRO B 774 -32.61 -18.18 32.48
N SER B 775 -31.29 -18.40 32.38
CA SER B 775 -30.61 -19.35 33.25
C SER B 775 -30.76 -18.95 34.71
N ASN B 776 -30.88 -19.96 35.58
CA ASN B 776 -31.02 -19.68 37.01
C ASN B 776 -29.80 -18.95 37.56
N GLU B 777 -28.65 -19.06 36.89
CA GLU B 777 -27.49 -18.21 37.22
C GLU B 777 -27.84 -16.74 37.04
N THR B 778 -28.41 -16.39 35.90
CA THR B 778 -28.77 -15.00 35.66
C THR B 778 -29.85 -14.53 36.63
N LEU B 779 -30.76 -15.43 37.02
CA LEU B 779 -31.77 -15.12 38.02
C LEU B 779 -31.10 -14.77 39.34
N ALA B 780 -30.09 -15.54 39.71
CA ALA B 780 -29.32 -15.27 40.93
C ALA B 780 -28.65 -13.89 40.85
N GLN B 781 -28.06 -13.60 39.70
CA GLN B 781 -27.41 -12.31 39.48
C GLN B 781 -28.41 -11.18 39.68
N TRP B 782 -29.58 -11.31 39.06
CA TRP B 782 -30.60 -10.28 39.16
C TRP B 782 -31.07 -10.11 40.61
N LYS B 783 -31.19 -11.23 41.34
CA LYS B 783 -31.68 -11.17 42.71
C LYS B 783 -30.70 -10.48 43.63
N LYS B 784 -29.41 -10.85 43.59
CA LYS B 784 -28.44 -10.11 44.37
C LYS B 784 -28.21 -8.68 43.89
N ASP B 785 -28.55 -8.38 42.63
CA ASP B 785 -28.59 -6.99 42.18
C ASP B 785 -29.96 -6.36 42.25
N ASN B 786 -30.98 -7.09 42.70
CA ASN B 786 -32.34 -6.57 42.81
C ASN B 786 -32.76 -6.03 41.44
N ILE B 787 -32.91 -6.95 40.49
CA ILE B 787 -33.23 -6.60 39.10
C ILE B 787 -34.52 -7.33 38.74
N THR B 788 -35.58 -6.57 38.46
CA THR B 788 -36.85 -7.15 38.06
C THR B 788 -36.96 -7.18 36.53
N ALA B 789 -37.24 -8.35 35.97
CA ALA B 789 -37.32 -8.51 34.52
C ALA B 789 -38.49 -7.73 33.93
N HIS B 790 -39.61 -7.69 34.64
CA HIS B 790 -40.86 -7.17 34.07
C HIS B 790 -40.78 -5.68 33.77
N ASN B 791 -40.35 -4.89 34.76
CA ASN B 791 -40.49 -3.44 34.66
C ASN B 791 -39.46 -2.83 33.72
N ILE B 792 -38.31 -3.50 33.56
CA ILE B 792 -37.22 -2.94 32.76
C ILE B 792 -37.62 -2.82 31.30
N SER B 793 -37.39 -1.64 30.72
CA SER B 793 -37.54 -1.46 29.29
C SER B 793 -36.37 -2.08 28.57
N TRP B 794 -36.68 -2.93 27.59
CA TRP B 794 -35.66 -3.69 26.87
C TRP B 794 -35.32 -3.08 25.52
N ARG B 795 -36.21 -2.23 24.98
CA ARG B 795 -36.01 -1.70 23.63
C ARG B 795 -35.11 -0.47 23.61
N ASN B 796 -34.70 0.02 24.78
CA ASN B 796 -33.73 1.10 24.84
C ASN B 796 -32.32 0.68 25.29
N LEU B 797 -32.18 -0.44 25.97
CA LEU B 797 -30.86 -0.82 26.48
C LEU B 797 -29.84 -0.87 25.36
N THR B 798 -28.71 -0.19 25.57
CA THR B 798 -27.66 -0.15 24.56
C THR B 798 -26.85 -1.43 24.60
N VAL B 799 -25.83 -1.54 23.75
CA VAL B 799 -25.05 -2.77 23.64
C VAL B 799 -24.36 -3.12 24.94
N SER B 800 -23.67 -2.16 25.56
CA SER B 800 -22.99 -2.44 26.82
C SER B 800 -23.97 -2.78 27.92
N GLU B 801 -25.08 -2.03 28.04
CA GLU B 801 -26.07 -2.34 29.06
C GLU B 801 -26.73 -3.69 28.80
N CYS B 802 -27.01 -4.01 27.54
CA CYS B 802 -27.58 -5.32 27.22
C CYS B 802 -26.63 -6.45 27.59
N LYS B 803 -25.34 -6.29 27.30
CA LYS B 803 -24.38 -7.32 27.67
C LYS B 803 -24.23 -7.43 29.19
N LYS B 804 -24.34 -6.32 29.90
CA LYS B 804 -24.28 -6.36 31.35
C LYS B 804 -25.49 -7.07 31.95
N LEU B 805 -26.68 -6.84 31.37
CA LEU B 805 -27.89 -7.41 31.91
C LEU B 805 -28.16 -8.80 31.35
N ARG B 806 -27.24 -9.31 30.52
CA ARG B 806 -27.37 -10.62 29.90
C ARG B 806 -28.65 -10.73 29.08
N GLY B 807 -28.78 -9.89 28.06
CA GLY B 807 -29.91 -9.94 27.16
C GLY B 807 -29.58 -10.73 25.91
N VAL B 808 -30.58 -10.87 25.04
CA VAL B 808 -30.44 -11.59 23.78
C VAL B 808 -30.77 -10.65 22.64
N PHE B 809 -29.92 -10.64 21.62
CA PHE B 809 -30.14 -9.78 20.45
C PHE B 809 -30.93 -10.54 19.39
N LEU B 810 -31.92 -9.88 18.81
CA LEU B 810 -32.78 -10.50 17.80
C LEU B 810 -32.98 -9.50 16.67
N GLY B 811 -32.28 -9.72 15.57
CA GLY B 811 -32.40 -8.85 14.42
C GLY B 811 -31.69 -9.43 13.22
N SER B 812 -31.69 -8.66 12.13
CA SER B 812 -31.04 -9.07 10.90
C SER B 812 -29.57 -8.65 10.84
N ALA B 813 -29.11 -7.85 11.80
CA ALA B 813 -27.72 -7.43 11.85
C ALA B 813 -26.94 -8.07 13.01
N CYS B 814 -27.53 -9.05 13.69
CA CYS B 814 -26.88 -9.68 14.83
C CYS B 814 -25.71 -10.55 14.36
N GLY B 815 -24.84 -10.86 15.31
CA GLY B 815 -23.64 -11.66 15.02
C GLY B 815 -23.43 -12.70 16.08
N HIS B 816 -22.17 -13.07 16.30
CA HIS B 816 -21.85 -14.07 17.31
C HIS B 816 -22.22 -13.58 18.70
N HIS B 817 -21.75 -12.38 19.07
CA HIS B 817 -22.23 -11.67 20.25
C HIS B 817 -22.15 -10.17 20.03
N GLY B 818 -23.28 -9.55 19.68
CA GLY B 818 -23.33 -8.13 19.49
C GLY B 818 -23.53 -7.75 18.03
N PRO B 819 -24.12 -6.58 17.80
CA PRO B 819 -24.34 -6.13 16.43
C PRO B 819 -23.03 -5.96 15.68
N TYR B 820 -23.09 -6.19 14.37
CA TYR B 820 -21.90 -6.02 13.53
C TYR B 820 -21.45 -4.56 13.55
N ILE B 821 -20.14 -4.36 13.59
CA ILE B 821 -19.53 -3.03 13.60
C ILE B 821 -19.23 -2.65 12.16
N PRO B 822 -19.86 -1.59 11.63
CA PRO B 822 -19.63 -1.22 10.23
C PRO B 822 -18.30 -0.48 10.06
N ASP B 823 -17.60 -0.80 8.96
CA ASP B 823 -16.42 -0.10 8.45
C ASP B 823 -15.46 0.46 9.49
N VAL B 824 -15.08 -0.36 10.47
CA VAL B 824 -14.02 0.02 11.40
C VAL B 824 -12.76 -0.81 11.17
N LEU B 825 -12.92 -2.09 10.80
CA LEU B 825 -11.76 -2.96 10.61
C LEU B 825 -10.95 -2.55 9.40
N PHE B 826 -11.61 -2.32 8.26
CA PHE B 826 -10.89 -1.95 7.05
C PHE B 826 -10.24 -0.58 7.15
N TRP B 827 -10.86 0.34 7.87
CA TRP B 827 -10.20 1.61 8.14
C TRP B 827 -8.93 1.40 8.96
N CYS B 828 -8.96 0.49 9.92
CA CYS B 828 -7.76 0.17 10.68
C CYS B 828 -6.68 -0.42 9.80
N VAL B 829 -7.07 -1.31 8.87
CA VAL B 829 -6.08 -1.90 7.96
C VAL B 829 -5.46 -0.82 7.09
N ILE B 830 -6.29 0.10 6.57
CA ILE B 830 -5.78 1.18 5.74
C ILE B 830 -4.82 2.05 6.53
N LEU B 831 -5.16 2.39 7.77
CA LEU B 831 -4.25 3.16 8.61
C LEU B 831 -2.93 2.43 8.81
N PHE B 832 -3.00 1.13 9.15
CA PHE B 832 -1.81 0.37 9.46
C PHE B 832 -0.85 0.32 8.28
N PHE B 833 -1.37 0.01 7.09
CA PHE B 833 -0.49 -0.10 5.93
C PHE B 833 -0.05 1.25 5.38
N THR B 834 -0.92 2.26 5.40
CA THR B 834 -0.55 3.58 4.91
C THR B 834 0.54 4.19 5.78
N THR B 835 0.47 4.00 7.10
CA THR B 835 1.54 4.52 7.96
C THR B 835 2.89 3.92 7.60
N PHE B 836 2.96 2.60 7.42
CA PHE B 836 4.22 1.96 7.08
C PHE B 836 4.73 2.43 5.72
N PHE B 837 3.86 2.47 4.71
CA PHE B 837 4.30 2.90 3.39
C PHE B 837 4.76 4.35 3.38
N LEU B 838 4.02 5.25 4.04
CA LEU B 838 4.39 6.65 4.10
C LEU B 838 5.70 6.86 4.85
N SER B 839 5.91 6.14 5.95
CA SER B 839 7.18 6.25 6.66
C SER B 839 8.34 5.75 5.80
N SER B 840 8.15 4.63 5.10
CA SER B 840 9.21 4.14 4.22
C SER B 840 9.52 5.13 3.12
N PHE B 841 8.50 5.76 2.54
CA PHE B 841 8.72 6.76 1.50
C PHE B 841 9.43 7.99 2.06
N LEU B 842 9.02 8.45 3.23
CA LEU B 842 9.60 9.67 3.78
C LEU B 842 11.02 9.46 4.27
N LYS B 843 11.39 8.23 4.62
CA LYS B 843 12.75 7.94 5.06
C LYS B 843 13.67 7.62 3.88
N GLN B 844 13.35 8.13 2.69
CA GLN B 844 14.16 7.87 1.51
C GLN B 844 14.47 9.16 0.74
N PHE B 845 14.33 10.32 1.38
CA PHE B 845 14.69 11.58 0.73
C PHE B 845 16.18 11.90 0.82
N LYS B 846 16.96 11.08 1.52
CA LYS B 846 18.41 11.22 1.54
C LYS B 846 19.06 10.64 0.29
N THR B 847 18.26 10.11 -0.63
CA THR B 847 18.76 9.60 -1.91
C THR B 847 18.27 10.46 -3.06
N LYS B 848 17.21 11.23 -2.87
CA LYS B 848 16.68 12.11 -3.91
C LYS B 848 17.66 13.22 -4.22
N ARG B 849 17.46 13.92 -5.34
CA ARG B 849 18.41 14.94 -5.77
C ARG B 849 17.72 16.25 -6.11
N TYR B 850 16.41 16.23 -6.31
CA TYR B 850 15.69 17.44 -6.69
C TYR B 850 15.18 18.24 -5.50
N PHE B 851 16.04 18.52 -4.53
CA PHE B 851 15.66 19.28 -3.35
C PHE B 851 16.90 19.93 -2.74
N PRO B 852 16.75 20.96 -1.91
CA PRO B 852 17.94 21.53 -1.23
C PRO B 852 18.57 20.57 -0.25
N THR B 853 19.70 20.97 0.34
CA THR B 853 20.38 20.12 1.30
C THR B 853 19.78 20.23 2.70
N LYS B 854 18.97 21.27 2.95
CA LYS B 854 18.35 21.47 4.25
C LYS B 854 16.91 20.98 4.25
N VAL B 855 16.45 20.39 3.16
CA VAL B 855 15.09 19.85 3.08
C VAL B 855 15.20 18.37 2.78
N ARG B 856 16.39 17.93 2.35
CA ARG B 856 16.65 16.51 2.17
C ARG B 856 17.24 15.87 3.42
N SER B 857 17.41 16.63 4.51
CA SER B 857 17.90 16.08 5.76
C SER B 857 17.13 16.63 6.96
N THR B 858 15.95 17.20 6.71
CA THR B 858 15.10 17.70 7.78
C THR B 858 13.73 17.04 7.74
N ILE B 859 13.37 16.44 6.60
CA ILE B 859 12.17 15.61 6.51
C ILE B 859 12.61 14.21 6.12
N SER B 860 13.89 13.92 6.31
CA SER B 860 14.43 12.58 6.07
C SER B 860 14.97 12.01 7.37
N ASP B 861 15.03 12.84 8.41
CA ASP B 861 15.42 12.42 9.75
C ASP B 861 14.22 12.61 10.67
N PHE B 862 13.12 13.11 10.10
CA PHE B 862 11.87 13.29 10.81
C PHE B 862 10.77 12.51 10.10
N ALA B 863 11.12 11.31 9.62
CA ALA B 863 10.24 10.53 8.77
C ALA B 863 9.07 9.88 9.50
N VAL B 864 9.23 9.52 10.78
CA VAL B 864 8.21 8.75 11.48
C VAL B 864 7.49 9.62 12.50
N PHE B 865 7.92 10.87 12.68
CA PHE B 865 7.15 11.82 13.45
C PHE B 865 6.23 12.67 12.60
N LEU B 866 6.61 12.97 11.35
CA LEU B 866 5.70 13.61 10.41
C LEU B 866 4.59 12.66 9.99
N THR B 867 4.92 11.37 9.84
CA THR B 867 3.95 10.35 9.47
C THR B 867 2.85 10.24 10.53
N ILE B 868 3.24 10.23 11.81
CA ILE B 868 2.26 10.11 12.88
C ILE B 868 1.30 11.30 12.86
N VAL B 869 1.84 12.51 12.71
CA VAL B 869 0.99 13.70 12.71
C VAL B 869 0.04 13.68 11.52
N ILE B 870 0.54 13.34 10.33
CA ILE B 870 -0.30 13.32 9.14
C ILE B 870 -1.42 12.29 9.30
N MET B 871 -1.09 11.09 9.77
CA MET B 871 -2.10 10.05 9.90
C MET B 871 -3.10 10.36 11.01
N VAL B 872 -2.66 10.98 12.11
CA VAL B 872 -3.60 11.39 13.15
C VAL B 872 -4.55 12.44 12.61
N THR B 873 -4.03 13.40 11.83
CA THR B 873 -4.90 14.41 11.24
C THR B 873 -5.91 13.78 10.27
N ILE B 874 -5.47 12.84 9.44
CA ILE B 874 -6.38 12.18 8.51
C ILE B 874 -7.46 11.41 9.27
N ASP B 875 -7.06 10.67 10.31
CA ASP B 875 -8.04 9.92 11.09
C ASP B 875 -9.03 10.84 11.78
N TYR B 876 -8.57 11.98 12.31
CA TYR B 876 -9.48 12.95 12.90
C TYR B 876 -10.45 13.53 11.89
N LEU B 877 -9.98 13.86 10.69
CA LEU B 877 -10.86 14.40 9.66
C LEU B 877 -11.90 13.39 9.19
N VAL B 878 -11.51 12.13 8.98
CA VAL B 878 -12.47 11.13 8.52
C VAL B 878 -13.53 10.85 9.59
N GLY B 879 -13.12 10.68 10.85
CA GLY B 879 -14.07 10.55 11.94
C GLY B 879 -14.56 9.16 12.24
N VAL B 880 -14.05 8.14 11.57
CA VAL B 880 -14.45 6.77 11.90
C VAL B 880 -13.89 6.39 13.27
N PRO B 881 -14.70 5.84 14.18
CA PRO B 881 -14.22 5.58 15.54
C PRO B 881 -13.30 4.36 15.64
N SER B 882 -12.04 4.54 15.24
CA SER B 882 -11.02 3.51 15.38
C SER B 882 -10.54 3.48 16.83
N PRO B 883 -9.92 2.38 17.29
CA PRO B 883 -9.40 2.36 18.67
C PRO B 883 -8.34 3.43 18.91
N LYS B 884 -8.35 4.03 20.10
CA LYS B 884 -7.43 5.09 20.44
C LYS B 884 -6.58 4.69 21.65
N LEU B 885 -5.56 5.51 21.91
CA LEU B 885 -4.62 5.25 23.00
C LEU B 885 -5.19 5.86 24.28
N HIS B 886 -5.34 5.03 25.32
CA HIS B 886 -5.88 5.46 26.61
C HIS B 886 -4.75 5.54 27.62
N VAL B 887 -4.41 6.75 28.04
CA VAL B 887 -3.41 6.98 29.06
C VAL B 887 -4.12 7.29 30.38
N PRO B 888 -3.78 6.63 31.48
CA PRO B 888 -4.47 6.87 32.74
C PRO B 888 -4.31 8.31 33.21
N GLU B 889 -5.38 8.82 33.84
CA GLU B 889 -5.44 10.21 34.27
C GLU B 889 -5.13 10.40 35.74
N LYS B 890 -5.46 9.45 36.59
CA LYS B 890 -5.20 9.54 38.03
C LYS B 890 -3.71 9.41 38.30
N PHE B 891 -3.29 9.87 39.47
CA PHE B 891 -1.90 9.77 39.90
C PHE B 891 -1.72 8.84 41.09
N GLU B 892 -2.73 8.71 41.94
CA GLU B 892 -2.67 7.80 43.09
C GLU B 892 -2.69 6.36 42.61
N PRO B 893 -2.20 5.42 43.43
CA PRO B 893 -2.15 4.02 43.00
C PRO B 893 -3.53 3.43 42.70
N THR B 894 -3.55 2.29 42.04
CA THR B 894 -4.80 1.69 41.58
C THR B 894 -5.64 1.17 42.74
N HIS B 895 -5.11 0.23 43.50
CA HIS B 895 -5.81 -0.29 44.66
C HIS B 895 -5.93 0.82 45.70
N PRO B 896 -7.10 1.01 46.31
CA PRO B 896 -7.29 2.13 47.25
C PRO B 896 -6.41 2.05 48.48
N GLU B 897 -5.85 0.89 48.80
CA GLU B 897 -4.90 0.75 49.91
C GLU B 897 -3.61 0.20 49.31
N ARG B 898 -2.79 1.08 48.74
CA ARG B 898 -1.52 0.67 48.15
C ARG B 898 -0.44 1.73 48.35
N GLY B 899 -0.52 2.49 49.44
CA GLY B 899 0.49 3.48 49.77
C GLY B 899 1.89 2.98 49.47
N TRP B 900 2.66 3.76 48.69
CA TRP B 900 3.83 3.20 48.02
C TRP B 900 4.96 2.88 48.98
N ILE B 901 4.86 1.72 49.63
CA ILE B 901 5.95 1.08 50.35
C ILE B 901 5.50 -0.35 50.65
N ILE B 902 6.43 -1.31 50.56
CA ILE B 902 6.09 -2.70 50.82
C ILE B 902 7.21 -3.35 51.62
N SER B 903 6.96 -3.56 52.91
CA SER B 903 7.93 -4.25 53.75
C SER B 903 8.04 -5.71 53.31
N PRO B 904 9.23 -6.30 53.33
CA PRO B 904 9.39 -7.69 52.91
C PRO B 904 8.44 -8.64 53.62
N LEU B 905 8.24 -8.44 54.91
CA LEU B 905 7.33 -9.29 55.67
C LEU B 905 6.36 -8.45 56.50
N GLY B 906 5.07 -8.53 56.16
CA GLY B 906 4.07 -7.91 56.99
C GLY B 906 2.90 -8.81 57.37
N ASP B 907 2.66 -9.86 56.58
CA ASP B 907 1.55 -10.75 56.87
C ASP B 907 1.98 -12.17 56.51
N ASN B 908 3.26 -12.47 56.67
CA ASN B 908 3.75 -13.78 56.27
C ASN B 908 4.67 -14.38 57.34
N PRO B 909 4.78 -15.70 57.42
CA PRO B 909 5.74 -16.32 58.33
C PRO B 909 7.17 -15.96 57.93
N TRP B 910 8.05 -16.00 58.92
CA TRP B 910 9.42 -15.53 58.74
C TRP B 910 10.27 -16.42 57.84
N TRP B 911 9.80 -17.62 57.49
CA TRP B 911 10.59 -18.51 56.66
C TRP B 911 10.37 -18.28 55.16
N THR B 912 9.36 -17.50 54.77
CA THR B 912 9.17 -17.23 53.36
C THR B 912 10.29 -16.35 52.80
N LEU B 913 10.94 -15.56 53.67
CA LEU B 913 12.11 -14.80 53.25
C LEU B 913 13.25 -15.73 52.87
N LEU B 914 13.47 -16.77 53.69
CA LEU B 914 14.55 -17.70 53.41
C LEU B 914 14.21 -18.68 52.30
N ILE B 915 12.92 -18.86 52.01
CA ILE B 915 12.56 -19.72 50.88
C ILE B 915 12.51 -18.95 49.58
N ALA B 916 12.23 -17.64 49.64
CA ALA B 916 12.13 -16.84 48.42
C ALA B 916 13.46 -16.72 47.67
N ALA B 917 14.57 -17.08 48.29
CA ALA B 917 15.87 -16.97 47.64
C ALA B 917 16.05 -17.99 46.52
N ILE B 918 15.29 -19.08 46.54
CA ILE B 918 15.46 -20.15 45.56
C ILE B 918 15.13 -19.68 44.15
N PRO B 919 14.00 -19.01 43.90
CA PRO B 919 13.77 -18.45 42.55
C PRO B 919 14.69 -17.29 42.20
N ALA B 920 15.32 -16.67 43.20
CA ALA B 920 16.18 -15.52 42.94
C ALA B 920 17.39 -15.89 42.11
N LEU B 921 17.97 -17.08 42.31
CA LEU B 921 19.09 -17.51 41.50
C LEU B 921 18.70 -17.60 40.02
N LEU B 922 17.57 -18.25 39.73
CA LEU B 922 17.11 -18.36 38.35
C LEU B 922 16.80 -17.00 37.75
N CYS B 923 16.12 -16.13 38.51
CA CYS B 923 15.79 -14.80 37.98
C CYS B 923 17.06 -13.99 37.71
N THR B 924 18.03 -14.04 38.62
CA THR B 924 19.27 -13.31 38.42
C THR B 924 20.02 -13.82 37.20
N ILE B 925 20.12 -15.13 37.04
CA ILE B 925 20.80 -15.68 35.88
C ILE B 925 20.10 -15.25 34.60
N LEU B 926 18.77 -15.32 34.58
CA LEU B 926 18.02 -14.99 33.37
C LEU B 926 18.20 -13.52 33.00
N ILE B 927 18.06 -12.63 33.98
CA ILE B 927 18.21 -11.20 33.73
C ILE B 927 19.64 -10.87 33.31
N PHE B 928 20.63 -11.46 33.97
CA PHE B 928 22.02 -11.27 33.59
C PHE B 928 22.27 -11.67 32.14
N MET B 929 21.81 -12.85 31.73
CA MET B 929 22.02 -13.28 30.35
C MET B 929 21.32 -12.38 29.35
N ASP B 930 20.07 -11.97 29.63
CA ASP B 930 19.37 -11.08 28.71
C ASP B 930 20.08 -9.76 28.56
N GLN B 931 20.43 -9.12 29.68
CA GLN B 931 21.10 -7.83 29.63
C GLN B 931 22.44 -7.91 28.93
N GLN B 932 23.22 -8.96 29.20
CA GLN B 932 24.52 -9.09 28.57
C GLN B 932 24.44 -9.40 27.08
N ILE B 933 23.47 -10.22 26.64
CA ILE B 933 23.36 -10.45 25.20
C ILE B 933 22.91 -9.18 24.49
N THR B 934 22.03 -8.39 25.10
CA THR B 934 21.67 -7.11 24.51
C THR B 934 22.87 -6.16 24.43
N ALA B 935 23.67 -6.07 25.50
CA ALA B 935 24.86 -5.24 25.47
C ALA B 935 25.88 -5.70 24.43
N VAL B 936 26.04 -7.01 24.25
CA VAL B 936 26.94 -7.51 23.22
C VAL B 936 26.43 -7.13 21.83
N ILE B 937 25.12 -7.28 21.58
CA ILE B 937 24.57 -6.93 20.28
C ILE B 937 24.78 -5.45 20.00
N ILE B 938 24.54 -4.59 20.99
CA ILE B 938 24.62 -3.15 20.75
C ILE B 938 26.05 -2.69 20.48
N ASN B 939 27.04 -3.27 21.14
CA ASN B 939 28.43 -2.79 21.07
C ASN B 939 29.22 -3.48 19.97
N ARG B 940 28.56 -3.85 18.87
CA ARG B 940 29.24 -4.49 17.76
C ARG B 940 30.25 -3.53 17.12
N LYS B 941 31.30 -4.11 16.55
CA LYS B 941 32.38 -3.32 15.98
C LYS B 941 31.97 -2.57 14.72
N GLU B 942 30.89 -2.98 14.06
CA GLU B 942 30.50 -2.33 12.82
C GLU B 942 29.93 -0.93 13.05
N HIS B 943 29.48 -0.64 14.27
CA HIS B 943 28.91 0.66 14.56
C HIS B 943 29.97 1.73 14.79
N LYS B 944 31.24 1.34 14.87
CA LYS B 944 32.37 2.27 15.02
C LYS B 944 32.17 3.18 16.24
N LEU B 945 32.10 2.55 17.40
CA LEU B 945 31.98 3.27 18.66
C LEU B 945 33.31 3.95 18.99
N LYS B 946 33.25 5.22 19.34
CA LYS B 946 34.44 5.97 19.75
C LYS B 946 34.61 5.90 21.27
N LYS B 947 33.61 6.35 22.01
CA LYS B 947 33.63 6.28 23.47
C LYS B 947 33.45 4.82 23.88
N GLY B 948 34.31 4.34 24.77
CA GLY B 948 34.32 2.93 25.14
C GLY B 948 33.07 2.54 25.90
N ALA B 949 32.77 1.25 25.95
CA ALA B 949 31.61 0.74 26.66
C ALA B 949 32.01 -0.09 27.86
N GLY B 950 31.10 -0.19 28.82
CA GLY B 950 31.33 -0.98 30.01
C GLY B 950 30.18 -1.90 30.33
N TYR B 951 30.48 -3.13 30.75
CA TYR B 951 29.45 -4.13 31.01
C TYR B 951 29.15 -4.31 32.49
N HIS B 952 30.13 -4.10 33.37
CA HIS B 952 29.90 -4.29 34.80
C HIS B 952 28.95 -3.23 35.36
N LEU B 953 29.13 -1.97 34.95
CA LEU B 953 28.29 -0.90 35.47
C LEU B 953 26.84 -1.05 35.01
N ASP B 954 26.63 -1.52 33.77
CA ASP B 954 25.28 -1.78 33.30
C ASP B 954 24.56 -2.76 34.21
N LEU B 955 25.18 -3.91 34.48
CA LEU B 955 24.58 -4.90 35.35
C LEU B 955 24.39 -4.39 36.77
N LEU B 956 25.36 -3.64 37.30
CA LEU B 956 25.21 -3.10 38.65
C LEU B 956 23.99 -2.20 38.75
N MET B 957 23.83 -1.26 37.81
CA MET B 957 22.71 -0.34 37.90
C MET B 957 21.39 -1.02 37.59
N VAL B 958 21.39 -2.00 36.69
CA VAL B 958 20.18 -2.78 36.44
C VAL B 958 19.75 -3.50 37.71
N GLY B 959 20.69 -4.10 38.42
CA GLY B 959 20.35 -4.75 39.68
C GLY B 959 19.85 -3.79 40.74
N VAL B 960 20.50 -2.62 40.85
CA VAL B 960 20.09 -1.63 41.85
C VAL B 960 18.67 -1.16 41.58
N MET B 961 18.36 -0.80 40.33
CA MET B 961 17.00 -0.40 40.03
C MET B 961 16.00 -1.54 40.07
N LEU B 962 16.42 -2.78 39.82
CA LEU B 962 15.54 -3.90 40.05
C LEU B 962 15.14 -4.01 41.52
N GLY B 963 16.11 -3.87 42.41
CA GLY B 963 15.80 -3.85 43.84
C GLY B 963 14.90 -2.70 44.24
N VAL B 964 15.17 -1.50 43.72
CA VAL B 964 14.34 -0.34 44.06
C VAL B 964 12.90 -0.55 43.58
N CYS B 965 12.75 -1.02 42.34
CA CYS B 965 11.42 -1.26 41.80
C CYS B 965 10.69 -2.36 42.57
N SER B 966 11.40 -3.41 42.99
CA SER B 966 10.78 -4.44 43.79
C SER B 966 10.33 -3.93 45.15
N VAL B 967 11.13 -3.09 45.80
CA VAL B 967 10.72 -2.53 47.08
C VAL B 967 9.52 -1.61 46.91
N MET B 968 9.52 -0.74 45.91
CA MET B 968 8.42 0.21 45.74
C MET B 968 7.15 -0.47 45.25
N GLY B 969 7.25 -1.70 44.74
CA GLY B 969 6.08 -2.39 44.24
C GLY B 969 5.81 -2.10 42.78
N LEU B 970 6.86 -2.02 41.99
CA LEU B 970 6.81 -1.65 40.59
C LEU B 970 7.31 -2.80 39.72
N PRO B 971 6.86 -2.89 38.47
CA PRO B 971 7.24 -4.01 37.61
C PRO B 971 8.73 -3.95 37.25
N TRP B 972 9.24 -5.09 36.81
CA TRP B 972 10.66 -5.28 36.52
C TRP B 972 10.97 -4.89 35.08
N PHE B 973 12.13 -4.27 34.89
CA PHE B 973 12.52 -3.78 33.58
C PHE B 973 13.94 -4.23 33.25
N VAL B 974 14.12 -4.79 32.07
CA VAL B 974 15.42 -5.21 31.55
C VAL B 974 15.55 -4.71 30.12
N ALA B 975 16.73 -4.92 29.54
CA ALA B 975 17.04 -4.37 28.22
C ALA B 975 16.18 -5.02 27.14
N ALA B 976 15.79 -4.21 26.17
CA ALA B 976 15.02 -4.66 25.01
C ALA B 976 15.87 -4.50 23.75
N THR B 977 15.83 -5.52 22.89
CA THR B 977 16.75 -5.58 21.75
C THR B 977 16.27 -4.72 20.58
N VAL B 978 15.02 -4.89 20.15
CA VAL B 978 14.54 -4.15 18.98
C VAL B 978 14.51 -2.66 19.25
N LEU B 979 14.03 -2.25 20.43
CA LEU B 979 13.99 -0.83 20.77
C LEU B 979 15.39 -0.23 20.81
N SER B 980 16.35 -0.95 21.39
CA SER B 980 17.71 -0.43 21.47
C SER B 980 18.36 -0.34 20.11
N ILE B 981 18.12 -1.34 19.25
CA ILE B 981 18.66 -1.29 17.89
C ILE B 981 18.05 -0.12 17.12
N SER B 982 16.75 0.11 17.27
CA SER B 982 16.14 1.26 16.61
C SER B 982 16.66 2.58 17.16
N HIS B 983 16.97 2.62 18.46
CA HIS B 983 17.57 3.82 19.03
C HIS B 983 18.94 4.09 18.45
N VAL B 984 19.75 3.04 18.30
CA VAL B 984 21.08 3.21 17.73
C VAL B 984 21.00 3.61 16.26
N ASN B 985 20.11 2.98 15.49
CA ASN B 985 20.00 3.28 14.07
C ASN B 985 19.46 4.68 13.80
N SER B 986 18.80 5.29 14.78
CA SER B 986 18.25 6.64 14.59
C SER B 986 19.27 7.74 14.81
N LEU B 987 20.44 7.42 15.38
CA LEU B 987 21.48 8.40 15.62
C LEU B 987 22.68 8.24 14.69
N LYS B 988 22.53 7.47 13.61
CA LYS B 988 23.62 7.29 12.66
C LYS B 988 24.00 8.62 12.02
N VAL B 989 25.31 8.82 11.83
CA VAL B 989 25.81 10.02 11.17
C VAL B 989 26.40 9.61 9.82
N GLU B 990 25.93 10.24 8.75
CA GLU B 990 26.37 9.92 7.41
C GLU B 990 27.08 11.13 6.80
N SER B 991 27.94 10.84 5.81
CA SER B 991 28.72 11.88 5.17
C SER B 991 27.87 12.66 4.16
N GLU B 992 28.52 13.50 3.35
CA GLU B 992 27.79 14.36 2.42
C GLU B 992 28.37 14.27 1.01
N CYS B 993 28.78 13.07 0.60
CA CYS B 993 29.35 12.87 -0.72
C CYS B 993 28.84 11.59 -1.37
N SER B 994 27.88 11.71 -2.28
CA SER B 994 27.32 10.56 -2.99
C SER B 994 27.52 10.63 -4.48
N ALA B 995 28.13 11.71 -5.00
CA ALA B 995 28.35 11.83 -6.44
C ALA B 995 29.62 11.12 -6.86
N PRO B 996 30.77 11.50 -6.23
CA PRO B 996 31.97 10.76 -6.60
C PRO B 996 31.79 9.28 -6.33
N GLY B 997 31.37 8.93 -5.11
CA GLY B 997 31.23 7.53 -4.77
C GLY B 997 29.79 7.06 -4.81
N GLU B 998 29.24 6.75 -3.64
CA GLU B 998 27.87 6.25 -3.56
C GLU B 998 27.27 6.75 -2.24
N GLN B 999 26.18 6.10 -1.78
CA GLN B 999 25.48 6.42 -0.54
C GLN B 999 26.47 6.74 0.57
N PRO B 1000 26.24 7.83 1.33
CA PRO B 1000 27.26 8.31 2.27
C PRO B 1000 27.78 7.23 3.21
N LYS B 1001 29.10 7.09 3.27
CA LYS B 1001 29.73 6.07 4.11
C LYS B 1001 29.43 6.36 5.58
N PHE B 1002 29.07 5.31 6.30
CA PHE B 1002 28.69 5.46 7.70
C PHE B 1002 29.90 5.81 8.56
N LEU B 1003 29.86 6.99 9.16
CA LEU B 1003 30.99 7.49 9.95
C LEU B 1003 30.89 7.14 11.43
N GLY B 1004 29.70 7.05 12.00
CA GLY B 1004 29.60 6.70 13.40
C GLY B 1004 28.24 6.97 14.06
N ILE B 1005 28.06 6.36 15.22
CA ILE B 1005 26.85 6.58 16.01
C ILE B 1005 27.06 7.78 16.91
N ARG B 1006 26.11 8.71 16.90
CA ARG B 1006 26.21 9.88 17.76
C ARG B 1006 26.06 9.45 19.21
N GLU B 1007 27.13 9.61 19.98
CA GLU B 1007 27.22 9.10 21.35
C GLU B 1007 26.76 10.21 22.29
N GLN B 1008 25.73 9.90 23.10
CA GLN B 1008 25.13 10.91 23.95
C GLN B 1008 24.32 10.29 25.08
N ARG B 1009 23.80 11.14 25.98
CA ARG B 1009 22.99 10.69 27.10
C ARG B 1009 21.70 11.47 27.28
N VAL B 1010 21.45 12.50 26.47
CA VAL B 1010 20.26 13.33 26.67
C VAL B 1010 19.03 12.67 26.08
N THR B 1011 19.20 11.88 25.03
CA THR B 1011 18.05 11.28 24.35
C THR B 1011 17.26 10.35 25.27
N GLY B 1012 17.95 9.40 25.91
CA GLY B 1012 17.26 8.48 26.80
C GLY B 1012 16.66 9.19 28.00
N LEU B 1013 17.40 10.15 28.56
CA LEU B 1013 16.89 10.89 29.71
C LEU B 1013 15.62 11.65 29.36
N MET B 1014 15.59 12.30 28.20
CA MET B 1014 14.39 13.04 27.79
C MET B 1014 13.24 12.10 27.47
N ILE B 1015 13.52 10.95 26.84
CA ILE B 1015 12.46 10.00 26.56
C ILE B 1015 11.82 9.52 27.85
N PHE B 1016 12.63 9.16 28.84
CA PHE B 1016 12.08 8.62 30.08
C PHE B 1016 11.57 9.70 31.02
N ILE B 1017 11.93 10.95 30.80
CA ILE B 1017 11.25 12.04 31.50
C ILE B 1017 9.87 12.27 30.91
N LEU B 1018 9.77 12.28 29.57
CA LEU B 1018 8.48 12.49 28.92
C LEU B 1018 7.53 11.33 29.20
N MET B 1019 8.06 10.11 29.35
CA MET B 1019 7.20 8.99 29.68
C MET B 1019 6.52 9.17 31.03
N GLY B 1020 7.23 9.72 32.01
CA GLY B 1020 6.65 9.93 33.33
C GLY B 1020 5.66 11.08 33.40
N LEU B 1021 5.68 11.98 32.42
CA LEU B 1021 4.78 13.12 32.39
C LEU B 1021 3.55 12.90 31.53
N SER B 1022 3.34 11.68 31.03
CA SER B 1022 2.18 11.41 30.19
C SER B 1022 0.86 11.47 30.95
N VAL B 1023 0.91 11.42 32.29
CA VAL B 1023 -0.31 11.50 33.07
C VAL B 1023 -0.95 12.88 32.99
N PHE B 1024 -0.20 13.90 32.57
CA PHE B 1024 -0.72 15.25 32.47
C PHE B 1024 -1.19 15.61 31.07
N MET B 1025 -0.70 14.91 30.05
CA MET B 1025 -1.05 15.17 28.67
C MET B 1025 -2.02 14.12 28.10
N THR B 1026 -2.95 13.63 28.92
CA THR B 1026 -3.90 12.64 28.47
C THR B 1026 -4.82 13.17 27.38
N SER B 1027 -5.24 14.44 27.49
CA SER B 1027 -6.17 15.01 26.54
C SER B 1027 -5.60 15.07 25.13
N VAL B 1028 -4.28 15.06 24.97
CA VAL B 1028 -3.67 15.10 23.65
C VAL B 1028 -3.36 13.70 23.13
N LEU B 1029 -2.86 12.82 24.01
CA LEU B 1029 -2.51 11.47 23.59
C LEU B 1029 -3.72 10.62 23.25
N LYS B 1030 -4.93 11.07 23.59
CA LYS B 1030 -6.13 10.29 23.29
C LYS B 1030 -6.50 10.32 21.81
N PHE B 1031 -5.88 11.19 21.02
CA PHE B 1031 -6.18 11.29 19.60
C PHE B 1031 -5.31 10.40 18.74
N ILE B 1032 -4.41 9.62 19.32
CA ILE B 1032 -3.51 8.76 18.55
C ILE B 1032 -4.14 7.39 18.37
N PRO B 1033 -4.52 7.01 17.15
CA PRO B 1033 -5.07 5.67 16.95
C PRO B 1033 -3.99 4.60 17.10
N MET B 1034 -4.44 3.40 17.45
CA MET B 1034 -3.54 2.28 17.69
C MET B 1034 -2.96 1.67 16.42
N PRO B 1035 -3.72 1.55 15.31
CA PRO B 1035 -3.11 1.03 14.08
C PRO B 1035 -1.91 1.83 13.58
N VAL B 1036 -1.87 3.13 13.82
CA VAL B 1036 -0.68 3.90 13.47
C VAL B 1036 0.53 3.41 14.25
N LEU B 1037 0.35 3.19 15.56
CA LEU B 1037 1.43 2.66 16.37
C LEU B 1037 1.84 1.26 15.95
N TYR B 1038 0.88 0.41 15.56
CA TYR B 1038 1.24 -0.90 15.04
C TYR B 1038 2.02 -0.81 13.74
N GLY B 1039 1.66 0.12 12.86
CA GLY B 1039 2.45 0.34 11.66
C GLY B 1039 3.86 0.82 11.96
N VAL B 1040 4.01 1.70 12.95
CA VAL B 1040 5.34 2.11 13.39
C VAL B 1040 6.13 0.93 13.93
N PHE B 1041 5.48 0.05 14.70
CA PHE B 1041 6.16 -1.15 15.20
C PHE B 1041 6.64 -2.03 14.04
N LEU B 1042 5.78 -2.23 13.04
CA LEU B 1042 6.18 -3.02 11.88
C LEU B 1042 7.33 -2.38 11.12
N TYR B 1043 7.31 -1.05 10.97
CA TYR B 1043 8.43 -0.37 10.31
C TYR B 1043 9.72 -0.55 11.09
N MET B 1044 9.67 -0.43 12.41
CA MET B 1044 10.87 -0.63 13.21
C MET B 1044 11.39 -2.06 13.08
N GLY B 1045 10.48 -3.03 13.12
CA GLY B 1045 10.89 -4.42 12.99
C GLY B 1045 11.50 -4.73 11.64
N VAL B 1046 10.97 -4.16 10.57
CA VAL B 1046 11.54 -4.38 9.25
C VAL B 1046 12.89 -3.68 9.11
N SER B 1047 13.00 -2.43 9.58
CA SER B 1047 14.23 -1.68 9.43
C SER B 1047 15.35 -2.21 10.31
N SER B 1048 15.04 -2.86 11.42
CA SER B 1048 16.10 -3.40 12.27
C SER B 1048 16.84 -4.56 11.63
N LEU B 1049 16.23 -5.21 10.62
CA LEU B 1049 16.88 -6.35 9.98
C LEU B 1049 18.14 -5.92 9.24
N LYS B 1050 18.11 -4.75 8.60
CA LYS B 1050 19.22 -4.29 7.78
C LYS B 1050 20.51 -4.19 8.58
N GLY B 1051 21.51 -4.98 8.20
CA GLY B 1051 22.81 -4.93 8.87
C GLY B 1051 23.34 -6.29 9.27
N ILE B 1052 22.45 -7.22 9.58
CA ILE B 1052 22.85 -8.55 10.05
C ILE B 1052 23.56 -9.30 8.94
N GLN B 1053 24.65 -9.99 9.29
CA GLN B 1053 25.42 -10.73 8.30
C GLN B 1053 24.74 -12.02 7.89
N LEU B 1054 24.02 -12.64 8.83
CA LEU B 1054 23.27 -13.87 8.58
C LEU B 1054 22.48 -13.83 7.29
N PHE B 1055 21.61 -12.83 7.14
CA PHE B 1055 20.78 -12.74 5.95
C PHE B 1055 21.65 -12.69 4.69
N ASP B 1056 22.77 -11.97 4.75
CA ASP B 1056 23.64 -11.84 3.59
C ASP B 1056 24.05 -13.20 3.05
N ARG B 1057 24.11 -14.21 3.92
CA ARG B 1057 24.25 -15.58 3.43
C ARG B 1057 22.89 -16.20 3.18
N ILE B 1058 22.01 -16.17 4.18
CA ILE B 1058 20.71 -16.82 4.13
C ILE B 1058 19.93 -16.41 2.89
N LYS B 1059 20.01 -15.13 2.55
CA LYS B 1059 19.27 -14.60 1.40
C LYS B 1059 19.75 -15.22 0.10
N LEU B 1060 21.06 -15.37 -0.09
CA LEU B 1060 21.61 -15.58 -1.44
C LEU B 1060 22.64 -16.70 -1.49
N PHE B 1061 22.66 -17.58 -0.49
CA PHE B 1061 23.60 -18.69 -0.57
C PHE B 1061 22.96 -20.07 -0.64
N GLY B 1062 22.15 -20.43 0.34
CA GLY B 1062 21.75 -21.82 0.52
C GLY B 1062 21.17 -22.50 -0.69
N MET B 1063 19.95 -22.12 -1.07
CA MET B 1063 19.32 -22.65 -2.28
C MET B 1063 19.73 -21.94 -3.57
N PRO B 1064 19.57 -20.59 -3.66
CA PRO B 1064 19.35 -19.91 -4.95
C PRO B 1064 20.11 -20.33 -6.21
N ALA B 1065 20.75 -19.35 -6.84
CA ALA B 1065 21.33 -19.50 -8.16
C ALA B 1065 22.81 -19.90 -8.04
N LYS B 1066 23.52 -19.84 -9.17
CA LYS B 1066 24.89 -20.33 -9.26
C LYS B 1066 25.92 -19.23 -8.99
N HIS B 1067 25.81 -18.09 -9.66
CA HIS B 1067 26.83 -17.05 -9.52
C HIS B 1067 26.68 -16.34 -8.18
N GLN B 1068 27.79 -15.73 -7.73
CA GLN B 1068 27.82 -15.14 -6.40
C GLN B 1068 28.34 -13.70 -6.43
N PRO B 1069 27.98 -12.89 -5.43
CA PRO B 1069 28.63 -11.57 -5.27
C PRO B 1069 30.04 -11.70 -4.71
N ASP B 1070 30.66 -10.57 -4.35
CA ASP B 1070 32.06 -10.58 -3.95
C ASP B 1070 32.24 -11.27 -2.60
N LEU B 1071 31.66 -10.70 -1.53
CA LEU B 1071 31.54 -11.41 -0.26
C LEU B 1071 32.85 -12.02 0.23
N ILE B 1072 33.78 -11.16 0.67
CA ILE B 1072 35.20 -11.46 0.88
C ILE B 1072 35.45 -12.86 1.45
N TYR B 1073 34.58 -13.32 2.33
CA TYR B 1073 34.77 -14.63 2.94
C TYR B 1073 34.82 -15.74 1.90
N LEU B 1074 34.14 -15.55 0.77
CA LEU B 1074 34.29 -16.49 -0.34
C LEU B 1074 35.64 -16.33 -1.03
N ARG B 1075 36.06 -15.09 -1.21
CA ARG B 1075 37.37 -14.89 -1.77
C ARG B 1075 38.40 -15.83 -1.12
N TYR B 1076 38.03 -16.51 -0.02
CA TYR B 1076 38.96 -17.45 0.60
C TYR B 1076 38.37 -18.78 1.13
N VAL B 1077 37.27 -19.29 0.60
CA VAL B 1077 36.78 -20.60 1.09
C VAL B 1077 35.82 -21.37 0.17
N PRO B 1078 35.68 -22.71 0.34
CA PRO B 1078 34.76 -23.52 -0.47
C PRO B 1078 33.27 -23.15 -0.37
N LEU B 1079 32.50 -23.35 -1.44
CA LEU B 1079 31.11 -22.89 -1.38
C LEU B 1079 30.26 -23.85 -0.55
N TRP B 1080 30.50 -25.16 -0.69
CA TRP B 1080 29.72 -26.15 0.05
C TRP B 1080 29.94 -26.01 1.55
N LYS B 1081 31.15 -25.60 1.94
CA LYS B 1081 31.42 -25.32 3.36
C LYS B 1081 30.52 -24.19 3.85
N VAL B 1082 30.35 -23.16 3.02
CA VAL B 1082 29.48 -22.03 3.35
C VAL B 1082 28.04 -22.53 3.48
N HIS B 1083 27.63 -23.43 2.57
CA HIS B 1083 26.30 -23.99 2.65
C HIS B 1083 26.09 -24.72 3.98
N ILE B 1084 27.04 -25.56 4.36
CA ILE B 1084 26.93 -26.30 5.62
C ILE B 1084 26.89 -25.34 6.81
N PHE B 1085 27.71 -24.30 6.76
CA PHE B 1085 27.76 -23.30 7.80
C PHE B 1085 26.40 -22.63 7.96
N THR B 1086 25.78 -22.23 6.85
CA THR B 1086 24.46 -21.61 6.91
C THR B 1086 23.41 -22.59 7.44
N VAL B 1087 23.49 -23.85 7.03
CA VAL B 1087 22.53 -24.86 7.49
C VAL B 1087 22.64 -25.04 9.00
N ILE B 1088 23.86 -25.01 9.53
CA ILE B 1088 24.07 -25.15 10.97
C ILE B 1088 23.36 -24.04 11.71
N GLN B 1089 23.49 -22.80 11.22
CA GLN B 1089 22.85 -21.67 11.88
C GLN B 1089 21.33 -21.76 11.76
N LEU B 1090 20.84 -22.19 10.59
CA LEU B 1090 19.40 -22.30 10.38
C LEU B 1090 18.77 -23.33 11.31
N THR B 1091 19.43 -24.47 11.49
CA THR B 1091 18.90 -25.50 12.39
C THR B 1091 18.81 -24.97 13.82
N CYS B 1092 19.84 -24.25 14.27
CA CYS B 1092 19.81 -23.65 15.58
C CYS B 1092 18.69 -22.63 15.72
N LEU B 1093 18.50 -21.80 14.69
CA LEU B 1093 17.42 -20.80 14.74
C LEU B 1093 16.05 -21.47 14.81
N VAL B 1094 15.87 -22.55 14.05
CA VAL B 1094 14.60 -23.28 14.08
C VAL B 1094 14.38 -23.90 15.46
N LEU B 1095 15.44 -24.44 16.06
CA LEU B 1095 15.32 -24.99 17.41
C LEU B 1095 14.95 -23.93 18.42
N LEU B 1096 15.56 -22.74 18.30
CA LEU B 1096 15.21 -21.63 19.18
C LEU B 1096 13.76 -21.23 19.01
N TRP B 1097 13.27 -21.18 17.77
CA TRP B 1097 11.87 -20.86 17.53
C TRP B 1097 10.95 -21.90 18.15
N VAL B 1098 11.28 -23.19 17.96
CA VAL B 1098 10.43 -24.25 18.47
C VAL B 1098 10.36 -24.25 19.99
N ILE B 1099 11.51 -24.10 20.67
CA ILE B 1099 11.50 -24.08 22.13
C ILE B 1099 11.25 -22.68 22.68
N LYS B 1100 10.97 -21.69 21.83
CA LYS B 1100 10.69 -20.34 22.31
C LYS B 1100 9.38 -20.31 23.09
N VAL B 1101 8.31 -20.86 22.52
CA VAL B 1101 7.03 -20.85 23.19
C VAL B 1101 6.89 -22.09 24.08
N SER B 1102 6.87 -23.29 23.47
CA SER B 1102 6.95 -24.58 24.14
C SER B 1102 6.23 -24.59 25.50
N ALA B 1103 6.93 -25.12 26.51
CA ALA B 1103 6.57 -24.90 27.91
C ALA B 1103 7.71 -24.26 28.67
N ALA B 1104 8.81 -23.94 27.98
CA ALA B 1104 10.00 -23.38 28.59
C ALA B 1104 10.24 -21.92 28.22
N ALA B 1105 9.19 -21.16 27.89
CA ALA B 1105 9.35 -19.74 27.63
C ALA B 1105 9.85 -19.01 28.87
N VAL B 1106 9.67 -19.61 30.04
CA VAL B 1106 10.15 -19.06 31.31
C VAL B 1106 11.66 -18.94 31.27
N VAL B 1107 12.32 -19.97 30.72
CA VAL B 1107 13.77 -20.11 30.81
C VAL B 1107 14.33 -20.01 29.39
N PHE B 1108 13.70 -19.18 28.56
CA PHE B 1108 14.08 -19.03 27.15
C PHE B 1108 15.50 -18.50 26.96
N PRO B 1109 15.88 -17.32 27.52
CA PRO B 1109 17.19 -16.75 27.19
C PRO B 1109 18.36 -17.59 27.70
N MET B 1110 18.10 -18.48 28.65
CA MET B 1110 19.11 -19.44 29.09
C MET B 1110 19.71 -20.22 27.93
N MET B 1111 19.03 -20.26 26.79
CA MET B 1111 19.53 -20.97 25.63
C MET B 1111 20.81 -20.36 25.06
N VAL B 1112 21.18 -19.16 25.49
CA VAL B 1112 22.45 -18.58 25.06
C VAL B 1112 23.59 -19.43 25.61
N LEU B 1113 23.30 -20.23 26.63
CA LEU B 1113 24.26 -21.20 27.15
C LEU B 1113 24.33 -22.46 26.29
N ALA B 1114 23.48 -22.57 25.27
CA ALA B 1114 23.45 -23.75 24.40
C ALA B 1114 24.10 -23.46 23.06
N LEU B 1115 23.94 -22.26 22.50
CA LEU B 1115 24.57 -21.94 21.22
C LEU B 1115 26.09 -21.93 21.34
N VAL B 1116 26.60 -21.53 22.51
CA VAL B 1116 28.05 -21.54 22.72
C VAL B 1116 28.57 -22.97 22.69
N PHE B 1117 27.82 -23.91 23.25
CA PHE B 1117 28.24 -25.31 23.25
C PHE B 1117 28.30 -25.85 21.83
N VAL B 1118 27.30 -25.51 21.00
CA VAL B 1118 27.31 -25.88 19.60
C VAL B 1118 28.47 -25.24 18.85
N ARG B 1119 28.78 -23.98 19.14
CA ARG B 1119 29.92 -23.31 18.53
C ARG B 1119 31.23 -24.00 18.89
N LYS B 1120 31.37 -24.44 20.15
CA LYS B 1120 32.54 -25.21 20.55
C LYS B 1120 32.61 -26.53 19.79
N LEU B 1121 31.47 -27.23 19.70
CA LEU B 1121 31.43 -28.48 18.94
C LEU B 1121 31.18 -28.20 17.47
N MET B 1122 32.00 -27.33 16.89
CA MET B 1122 32.00 -27.07 15.45
C MET B 1122 33.39 -27.11 14.85
N ASP B 1123 34.44 -27.11 15.67
CA ASP B 1123 35.80 -27.19 15.15
C ASP B 1123 36.10 -28.60 14.64
N LEU B 1124 35.23 -29.56 14.98
CA LEU B 1124 35.47 -30.95 14.60
C LEU B 1124 35.53 -31.12 13.09
N CYS B 1125 34.40 -30.98 12.38
CA CYS B 1125 34.41 -31.13 10.93
C CYS B 1125 34.54 -29.79 10.21
N PHE B 1126 35.39 -28.91 10.73
CA PHE B 1126 35.70 -27.56 10.22
C PHE B 1126 37.13 -27.27 10.60
N THR B 1127 37.99 -27.03 9.61
CA THR B 1127 39.33 -26.55 9.91
C THR B 1127 39.24 -25.18 10.56
N LYS B 1128 40.15 -24.89 11.48
CA LYS B 1128 40.07 -23.65 12.25
C LYS B 1128 40.16 -22.42 11.37
N ARG B 1129 40.84 -22.55 10.22
CA ARG B 1129 40.92 -21.48 9.24
C ARG B 1129 39.55 -21.14 8.66
N GLU B 1130 38.83 -22.16 8.17
CA GLU B 1130 37.48 -21.94 7.68
C GLU B 1130 36.58 -21.47 8.80
N LEU B 1131 36.76 -22.04 9.99
CA LEU B 1131 35.98 -21.68 11.17
C LEU B 1131 36.06 -20.19 11.48
N SER B 1132 37.25 -19.70 11.82
CA SER B 1132 37.42 -18.27 12.02
C SER B 1132 37.87 -17.55 10.76
N TRP B 1133 37.27 -17.88 9.63
CA TRP B 1133 37.15 -16.99 8.48
C TRP B 1133 35.72 -16.79 8.06
N LEU B 1134 34.89 -17.84 8.08
CA LEU B 1134 33.46 -17.69 7.73
C LEU B 1134 32.67 -17.24 8.96
N ASP B 1135 33.09 -17.65 10.14
CA ASP B 1135 32.32 -17.42 11.35
C ASP B 1135 32.68 -16.16 12.09
N ASP B 1136 33.30 -16.32 13.26
CA ASP B 1136 33.62 -15.21 14.16
C ASP B 1136 34.31 -14.08 13.43
N LEU B 1137 33.66 -12.91 13.39
CA LEU B 1137 34.24 -11.75 12.75
C LEU B 1137 35.39 -11.14 13.52
#